data_4BVR
#
_entry.id   4BVR
#
_cell.length_a   129.075
_cell.length_b   129.075
_cell.length_c   229.660
_cell.angle_alpha   90.00
_cell.angle_beta   90.00
_cell.angle_gamma   120.00
#
_symmetry.space_group_name_H-M   'H 3 2'
#
loop_
_entity.id
_entity.type
_entity.pdbx_description
1 polymer 'CYANURIC ACID AMIDOHYDROLASE'
2 non-polymer 'MAGNESIUM ION'
3 non-polymer 1,3,5-triazine-2,4,6-triol
4 non-polymer DI(HYDROXYETHYL)ETHER
5 water water
#
_entity_poly.entity_id   1
_entity_poly.type   'polypeptide(L)'
_entity_poly.pdbx_seq_one_letter_code
;MGSSHHHHHHSSGLVPRGSHMYHIDVFRIPCHSPGDTSGLEDLIETGRVAPADIVAVMGKTEGNGCVNDYTREYATAMLA
ACLGRHLQLPPHEVEKRVAFVMSGGTEGVLSPHHTVFARRPAIDAHRPAGKRLTLGIAFTRDFLPEEIGRHAQITETAGA
VKRAMRDAGIASIDDLHFVQVKCPLLTPAKIASARSRGCAPVTTDTYESMGYSRGASALGIALATEEVPSSMLVDESVLN
DWSLSSSLASASAGIELEHNVVIAIGMSEQATSELVIAHGVMSDAIDAASVRRTIESLGIRSDDEMDRIVNVFAKAEASP
DGVVRGMRHTMLSDSDINSTRHARAVTGAAIASVVGHGMVYVSGGAEHQGPAGGGPFAVIARA
;
_entity_poly.pdbx_strand_id   A,B
#
loop_
_chem_comp.id
_chem_comp.type
_chem_comp.name
_chem_comp.formula
MG non-polymer 'MAGNESIUM ION' 'Mg 2'
PEG non-polymer DI(HYDROXYETHYL)ETHER 'C4 H10 O3'
WDL non-polymer 1,3,5-triazine-2,4,6-triol 'C3 H3 N3 O3'
#
# COMPACT_ATOMS: atom_id res chain seq x y z
N HIS A 20 10.89 -10.71 39.89
CA HIS A 20 10.47 -10.32 38.50
C HIS A 20 10.42 -11.50 37.55
N MET A 21 9.75 -12.56 37.98
CA MET A 21 9.80 -13.82 37.28
C MET A 21 8.45 -14.12 36.67
N TYR A 22 8.26 -13.70 35.44
CA TYR A 22 6.99 -13.89 34.79
C TYR A 22 6.97 -14.94 33.70
N HIS A 23 5.75 -15.32 33.36
CA HIS A 23 5.45 -16.05 32.14
C HIS A 23 4.53 -15.20 31.28
N ILE A 24 4.96 -14.89 30.06
CA ILE A 24 4.21 -14.03 29.15
C ILE A 24 3.49 -14.83 28.07
N ASP A 25 2.19 -14.59 27.95
CA ASP A 25 1.39 -15.08 26.85
C ASP A 25 1.02 -13.91 25.93
N VAL A 26 0.99 -14.17 24.63
CA VAL A 26 0.67 -13.16 23.64
C VAL A 26 -0.35 -13.73 22.70
N PHE A 27 -1.44 -13.00 22.48
CA PHE A 27 -2.54 -13.47 21.64
C PHE A 27 -2.94 -12.43 20.63
N ARG A 28 -2.80 -12.79 19.36
CA ARG A 28 -3.31 -11.97 18.27
C ARG A 28 -4.76 -12.34 18.05
N ILE A 29 -5.65 -11.38 18.21
CA ILE A 29 -7.06 -11.67 18.05
C ILE A 29 -7.78 -10.74 17.06
N PRO A 30 -8.53 -11.32 16.10
CA PRO A 30 -9.24 -10.51 15.09
C PRO A 30 -10.31 -9.59 15.65
N CYS A 31 -10.57 -8.49 14.97
CA CYS A 31 -11.68 -7.58 15.29
C CYS A 31 -12.54 -7.37 14.06
N HIS A 32 -13.85 -7.36 14.26
CA HIS A 32 -14.79 -7.15 13.16
C HIS A 32 -15.11 -5.67 13.07
N SER A 33 -14.76 -4.93 14.12
CA SER A 33 -15.02 -3.52 14.22
C SER A 33 -14.26 -3.00 15.44
N PRO A 34 -14.12 -1.67 15.57
CA PRO A 34 -13.31 -1.16 16.65
C PRO A 34 -13.80 -1.56 18.04
N GLY A 35 -15.11 -1.61 18.23
CA GLY A 35 -15.68 -1.97 19.53
C GLY A 35 -15.81 -3.48 19.77
N ASP A 36 -15.39 -4.30 18.81
CA ASP A 36 -15.52 -5.75 18.93
C ASP A 36 -14.60 -6.31 20.01
N THR A 37 -15.19 -6.85 21.07
CA THR A 37 -14.46 -7.53 22.15
C THR A 37 -14.68 -9.05 22.14
N SER A 38 -15.31 -9.57 21.08
CA SER A 38 -15.78 -10.97 21.05
C SER A 38 -14.66 -12.00 21.02
N GLY A 39 -13.53 -11.63 20.43
CA GLY A 39 -12.36 -12.48 20.44
C GLY A 39 -11.73 -12.52 21.83
N LEU A 40 -11.79 -11.41 22.54
CA LEU A 40 -11.23 -11.38 23.89
C LEU A 40 -12.11 -12.17 24.83
N GLU A 41 -13.42 -12.01 24.71
CA GLU A 41 -14.37 -12.80 25.49
C GLU A 41 -14.23 -14.30 25.22
N ASP A 42 -13.83 -14.66 24.00
CA ASP A 42 -13.58 -16.06 23.67
C ASP A 42 -12.39 -16.63 24.48
N LEU A 43 -11.26 -15.93 24.49
CA LEU A 43 -10.07 -16.38 25.22
C LEU A 43 -10.36 -16.55 26.69
N ILE A 44 -11.14 -15.62 27.25
CA ILE A 44 -11.46 -15.66 28.67
C ILE A 44 -12.35 -16.87 28.95
N GLU A 45 -13.41 -17.04 28.15
CA GLU A 45 -14.39 -18.11 28.35
C GLU A 45 -13.88 -19.51 27.98
N THR A 46 -12.84 -19.59 27.15
CA THR A 46 -12.14 -20.86 26.90
C THR A 46 -10.93 -21.07 27.83
N GLY A 47 -10.78 -20.20 28.83
CA GLY A 47 -9.72 -20.37 29.84
C GLY A 47 -8.28 -20.16 29.40
N ARG A 48 -8.08 -19.69 28.16
CA ARG A 48 -6.74 -19.50 27.61
C ARG A 48 -6.04 -18.26 28.16
N VAL A 49 -6.80 -17.35 28.76
CA VAL A 49 -6.21 -16.21 29.46
C VAL A 49 -7.10 -15.77 30.63
N ALA A 50 -6.44 -15.35 31.71
CA ALA A 50 -7.15 -14.84 32.88
C ALA A 50 -7.13 -13.31 32.86
N PRO A 51 -8.31 -12.68 32.99
CA PRO A 51 -8.45 -11.21 32.95
C PRO A 51 -7.46 -10.44 33.84
N ALA A 52 -7.20 -10.98 35.04
CA ALA A 52 -6.27 -10.30 35.97
C ALA A 52 -4.82 -10.28 35.47
N ASP A 53 -4.48 -11.20 34.57
CA ASP A 53 -3.11 -11.31 34.10
C ASP A 53 -2.79 -10.40 32.91
N ILE A 54 -3.83 -9.84 32.27
CA ILE A 54 -3.63 -9.02 31.08
C ILE A 54 -3.02 -7.71 31.52
N VAL A 55 -1.87 -7.37 30.96
N VAL A 55 -1.85 -7.38 30.98
CA VAL A 55 -1.12 -6.17 31.32
CA VAL A 55 -1.13 -6.15 31.34
C VAL A 55 -1.01 -5.14 30.20
C VAL A 55 -1.01 -5.14 30.20
N ALA A 56 -1.29 -5.55 28.97
CA ALA A 56 -1.22 -4.64 27.82
C ALA A 56 -2.02 -5.14 26.63
N VAL A 57 -2.63 -4.20 25.92
CA VAL A 57 -3.21 -4.49 24.60
C VAL A 57 -2.70 -3.48 23.57
N MET A 58 -2.04 -3.97 22.54
CA MET A 58 -1.64 -3.15 21.39
C MET A 58 -2.56 -3.47 20.23
N GLY A 59 -3.35 -2.49 19.82
CA GLY A 59 -4.36 -2.71 18.79
C GLY A 59 -4.16 -1.96 17.51
N LYS A 60 -4.81 -2.45 16.46
CA LYS A 60 -4.91 -1.75 15.19
C LYS A 60 -6.38 -1.59 14.91
N THR A 61 -6.82 -0.33 14.87
CA THR A 61 -8.21 -0.01 14.65
C THR A 61 -8.40 0.68 13.31
N GLU A 62 -9.59 0.54 12.74
CA GLU A 62 -9.83 0.92 11.33
C GLU A 62 -10.26 2.36 11.09
N GLY A 63 -10.03 3.21 12.08
CA GLY A 63 -10.08 4.64 11.88
C GLY A 63 -8.90 5.08 11.04
N ASN A 64 -8.75 6.39 10.84
CA ASN A 64 -7.79 6.94 9.90
C ASN A 64 -6.37 7.08 10.46
N GLY A 65 -6.21 6.79 11.75
CA GLY A 65 -4.89 6.83 12.38
C GLY A 65 -4.27 8.22 12.51
N CYS A 66 -5.08 9.25 12.35
CA CYS A 66 -4.61 10.61 12.41
C CYS A 66 -5.31 11.34 13.57
N VAL A 67 -5.66 12.60 13.39
CA VAL A 67 -6.19 13.38 14.50
C VAL A 67 -7.60 12.92 14.90
N ASN A 68 -8.58 13.12 14.03
CA ASN A 68 -9.96 12.73 14.29
C ASN A 68 -10.22 11.24 14.08
N ASP A 69 -9.51 10.42 14.83
CA ASP A 69 -9.74 8.97 14.82
C ASP A 69 -10.10 8.58 16.24
N TYR A 70 -11.36 8.23 16.41
CA TYR A 70 -11.93 7.89 17.70
C TYR A 70 -12.14 6.42 17.83
N THR A 71 -11.68 5.66 16.86
CA THR A 71 -11.74 4.22 16.93
C THR A 71 -10.77 3.74 17.99
N ARG A 72 -9.73 4.54 18.22
CA ARG A 72 -8.70 4.18 19.19
C ARG A 72 -9.24 4.20 20.61
N GLU A 73 -9.95 5.28 20.90
CA GLU A 73 -10.56 5.50 22.20
C GLU A 73 -11.77 4.58 22.37
N TYR A 74 -12.52 4.39 21.29
CA TYR A 74 -13.66 3.48 21.33
C TYR A 74 -13.20 2.04 21.65
N ALA A 75 -12.14 1.60 20.98
CA ALA A 75 -11.63 0.24 21.22
C ALA A 75 -11.15 0.11 22.64
N THR A 76 -10.39 1.10 23.10
CA THR A 76 -9.93 1.12 24.48
C THR A 76 -11.07 1.08 25.49
N ALA A 77 -12.17 1.77 25.16
CA ALA A 77 -13.29 1.90 26.09
C ALA A 77 -14.04 0.60 26.21
N MET A 78 -14.21 -0.10 25.10
CA MET A 78 -14.93 -1.37 25.10
C MET A 78 -14.08 -2.47 25.73
N LEU A 79 -12.77 -2.48 25.44
CA LEU A 79 -11.88 -3.47 26.05
C LEU A 79 -11.86 -3.29 27.57
N ALA A 80 -11.73 -2.04 28.00
CA ALA A 80 -11.72 -1.73 29.43
C ALA A 80 -13.04 -2.12 30.11
N ALA A 81 -14.16 -1.91 29.42
CA ALA A 81 -15.48 -2.27 29.95
C ALA A 81 -15.62 -3.79 30.08
N CYS A 82 -15.16 -4.50 29.05
CA CYS A 82 -15.14 -5.96 29.02
C CYS A 82 -14.33 -6.51 30.19
N LEU A 83 -13.11 -6.02 30.34
CA LEU A 83 -12.29 -6.44 31.47
C LEU A 83 -12.87 -5.99 32.82
N GLY A 84 -13.51 -4.83 32.83
CA GLY A 84 -14.12 -4.29 34.05
C GLY A 84 -15.19 -5.20 34.60
N ARG A 85 -16.04 -5.71 33.72
CA ARG A 85 -17.06 -6.66 34.11
C ARG A 85 -16.45 -7.85 34.85
N HIS A 86 -15.45 -8.49 34.23
CA HIS A 86 -14.80 -9.67 34.78
C HIS A 86 -14.04 -9.42 36.07
N LEU A 87 -13.42 -8.25 36.19
CA LEU A 87 -12.64 -7.91 37.38
C LEU A 87 -13.45 -7.10 38.37
N GLN A 88 -14.73 -6.87 38.04
CA GLN A 88 -15.60 -5.98 38.82
C GLN A 88 -14.87 -4.70 39.15
N LEU A 89 -14.47 -4.01 38.09
CA LEU A 89 -13.81 -2.71 38.21
C LEU A 89 -14.47 -1.71 37.28
N PRO A 90 -14.33 -0.41 37.60
CA PRO A 90 -14.69 0.62 36.65
C PRO A 90 -13.67 0.65 35.50
N PRO A 91 -14.14 0.89 34.27
CA PRO A 91 -13.27 0.99 33.10
C PRO A 91 -12.03 1.86 33.32
N HIS A 92 -12.20 3.01 33.95
CA HIS A 92 -11.08 3.94 34.15
C HIS A 92 -10.03 3.35 35.08
N GLU A 93 -10.43 2.44 35.96
CA GLU A 93 -9.48 1.73 36.83
C GLU A 93 -8.68 0.74 36.00
N VAL A 94 -9.36 0.04 35.11
CA VAL A 94 -8.71 -0.92 34.23
C VAL A 94 -7.63 -0.23 33.40
N GLU A 95 -7.90 1.00 32.95
CA GLU A 95 -6.94 1.75 32.11
C GLU A 95 -5.68 2.18 32.87
N LYS A 96 -5.69 2.11 34.20
CA LYS A 96 -4.49 2.36 35.00
C LYS A 96 -3.75 1.04 35.23
N ARG A 97 -4.51 -0.05 35.18
CA ARG A 97 -3.99 -1.39 35.39
C ARG A 97 -3.37 -1.95 34.11
N VAL A 98 -3.98 -1.64 32.97
CA VAL A 98 -3.58 -2.18 31.66
C VAL A 98 -3.14 -1.05 30.72
N ALA A 99 -2.04 -1.26 30.01
CA ALA A 99 -1.60 -0.31 28.99
C ALA A 99 -2.32 -0.61 27.68
N PHE A 100 -3.31 0.20 27.35
CA PHE A 100 -3.96 0.14 26.06
C PHE A 100 -3.23 1.08 25.09
N VAL A 101 -2.71 0.53 23.99
CA VAL A 101 -2.07 1.31 22.94
C VAL A 101 -2.76 0.97 21.61
N MET A 102 -3.64 1.87 21.17
CA MET A 102 -4.42 1.64 19.97
C MET A 102 -3.85 2.51 18.85
N SER A 103 -3.36 1.86 17.81
CA SER A 103 -2.86 2.54 16.61
C SER A 103 -3.93 2.47 15.53
N GLY A 104 -4.46 3.63 15.16
CA GLY A 104 -5.46 3.71 14.11
C GLY A 104 -4.81 3.57 12.74
N GLY A 105 -5.62 3.25 11.74
CA GLY A 105 -5.17 3.23 10.36
C GLY A 105 -4.82 1.84 9.93
N THR A 106 -5.75 1.22 9.21
CA THR A 106 -5.56 -0.13 8.70
C THR A 106 -5.84 -0.12 7.21
N GLU A 107 -4.94 0.54 6.49
CA GLU A 107 -5.10 0.74 5.07
C GLU A 107 -4.52 -0.45 4.31
N GLY A 108 -4.95 -0.60 3.06
CA GLY A 108 -4.53 -1.70 2.22
C GLY A 108 -4.99 -3.01 2.81
N VAL A 109 -4.05 -3.93 3.00
CA VAL A 109 -4.37 -5.26 3.49
C VAL A 109 -4.32 -5.36 5.02
N LEU A 110 -4.06 -4.24 5.70
CA LEU A 110 -3.99 -4.25 7.15
C LEU A 110 -5.33 -4.68 7.72
N SER A 111 -5.29 -5.71 8.57
CA SER A 111 -6.50 -6.31 9.13
C SER A 111 -6.65 -5.96 10.61
N PRO A 112 -7.73 -5.27 10.98
CA PRO A 112 -7.90 -4.88 12.37
C PRO A 112 -7.78 -6.02 13.37
N HIS A 113 -7.19 -5.74 14.51
CA HIS A 113 -6.93 -6.77 15.50
C HIS A 113 -6.34 -6.17 16.75
N HIS A 114 -6.31 -6.97 17.79
CA HIS A 114 -5.60 -6.63 19.01
C HIS A 114 -4.51 -7.66 19.24
N THR A 115 -3.38 -7.21 19.79
CA THR A 115 -2.45 -8.14 20.40
C THR A 115 -2.59 -7.99 21.91
N VAL A 116 -2.99 -9.07 22.57
CA VAL A 116 -3.17 -9.10 24.02
C VAL A 116 -1.96 -9.75 24.69
N PHE A 117 -1.38 -9.01 25.63
CA PHE A 117 -0.25 -9.47 26.42
C PHE A 117 -0.69 -9.78 27.86
N ALA A 118 -0.48 -11.02 28.28
CA ALA A 118 -0.80 -11.45 29.64
C ALA A 118 0.49 -11.85 30.36
N ARG A 119 0.55 -11.51 31.65
CA ARG A 119 1.72 -11.74 32.48
C ARG A 119 1.34 -12.49 33.73
N ARG A 120 1.98 -13.64 33.96
CA ARG A 120 1.73 -14.46 35.16
C ARG A 120 3.04 -14.68 35.90
N PRO A 121 2.98 -14.86 37.24
CA PRO A 121 4.22 -15.23 37.93
C PRO A 121 4.84 -16.49 37.32
N ALA A 122 6.16 -16.50 37.21
CA ALA A 122 6.89 -17.51 36.43
C ALA A 122 6.44 -18.94 36.73
N ILE A 123 6.12 -19.65 35.65
CA ILE A 123 5.62 -21.03 35.65
C ILE A 123 6.77 -22.01 35.82
N ASP A 124 6.75 -22.74 36.92
CA ASP A 124 7.76 -23.74 37.21
C ASP A 124 7.13 -24.82 38.12
N ALA A 125 6.77 -26.02 37.63
CA ALA A 125 6.83 -26.48 36.21
C ALA A 125 8.25 -26.60 35.60
N HIS A 126 8.50 -26.01 34.42
CA HIS A 126 9.84 -26.00 33.85
C HIS A 126 10.20 -24.61 33.31
N ARG A 127 11.48 -24.24 33.41
CA ARG A 127 11.98 -22.96 32.95
C ARG A 127 13.00 -23.18 31.81
N PRO A 128 12.63 -22.78 30.57
CA PRO A 128 13.45 -23.15 29.42
C PRO A 128 14.86 -22.59 29.42
N ALA A 129 15.70 -23.15 28.56
CA ALA A 129 17.09 -22.73 28.44
C ALA A 129 17.14 -21.40 27.69
N GLY A 130 17.73 -20.39 28.33
CA GLY A 130 18.04 -19.15 27.63
C GLY A 130 16.95 -18.14 27.86
N LYS A 131 17.19 -16.92 27.38
CA LYS A 131 16.32 -15.79 27.63
C LYS A 131 15.00 -15.95 26.88
N ARG A 132 13.93 -15.42 27.46
CA ARG A 132 12.60 -15.49 26.84
C ARG A 132 11.86 -14.16 26.95
N LEU A 133 10.74 -14.08 26.24
CA LEU A 133 9.95 -12.85 26.12
C LEU A 133 9.50 -12.32 27.46
N THR A 134 9.91 -11.11 27.77
CA THR A 134 9.35 -10.39 28.89
C THR A 134 8.83 -9.03 28.44
N LEU A 135 7.99 -8.45 29.29
CA LEU A 135 7.30 -7.23 28.98
C LEU A 135 7.10 -6.41 30.25
N GLY A 136 7.29 -5.10 30.15
CA GLY A 136 7.05 -4.19 31.27
C GLY A 136 6.41 -2.91 30.77
N ILE A 137 5.62 -2.26 31.62
CA ILE A 137 4.86 -1.07 31.24
C ILE A 137 5.14 0.10 32.18
N ALA A 138 4.93 1.31 31.67
CA ALA A 138 5.09 2.52 32.47
C ALA A 138 4.27 3.65 31.87
N PHE A 139 3.99 4.66 32.67
CA PHE A 139 3.21 5.83 32.26
C PHE A 139 3.96 7.07 32.68
N THR A 140 3.84 8.14 31.90
CA THR A 140 4.26 9.46 32.34
C THR A 140 3.05 10.23 32.82
N ARG A 141 3.33 11.38 33.42
CA ARG A 141 2.30 12.37 33.70
C ARG A 141 1.68 12.93 32.42
N ASP A 142 0.53 13.56 32.59
CA ASP A 142 -0.08 14.35 31.54
C ASP A 142 0.84 15.50 31.17
N PHE A 143 0.90 15.80 29.87
CA PHE A 143 1.67 16.92 29.37
C PHE A 143 0.78 18.13 29.14
N LEU A 144 1.37 19.31 29.28
CA LEU A 144 0.70 20.51 28.85
C LEU A 144 0.80 20.54 27.33
N PRO A 145 -0.21 21.12 26.66
CA PRO A 145 -0.14 21.33 25.22
C PRO A 145 1.23 21.82 24.73
N GLU A 146 1.73 22.87 25.38
CA GLU A 146 3.02 23.47 24.99
C GLU A 146 4.23 22.60 25.25
N GLU A 147 4.07 21.46 25.90
CA GLU A 147 5.19 20.55 26.18
C GLU A 147 5.31 19.45 25.13
N ILE A 148 4.29 19.32 24.28
CA ILE A 148 4.28 18.25 23.29
C ILE A 148 5.30 18.56 22.20
N GLY A 149 6.11 17.57 21.87
CA GLY A 149 7.15 17.73 20.87
C GLY A 149 8.43 18.35 21.42
N ARG A 150 8.45 18.61 22.72
CA ARG A 150 9.57 19.33 23.34
C ARG A 150 10.25 18.56 24.48
N HIS A 151 11.23 19.23 25.09
CA HIS A 151 12.12 18.64 26.11
C HIS A 151 11.42 17.87 27.23
N ALA A 152 10.35 18.45 27.77
CA ALA A 152 9.63 17.77 28.85
C ALA A 152 9.19 16.38 28.39
N GLN A 153 8.64 16.31 27.17
CA GLN A 153 8.15 15.03 26.63
C GLN A 153 9.31 14.06 26.45
N ILE A 154 10.43 14.53 25.92
CA ILE A 154 11.63 13.71 25.77
C ILE A 154 12.07 13.11 27.11
N THR A 155 12.29 13.99 28.09
CA THR A 155 12.81 13.64 29.39
C THR A 155 11.88 12.70 30.16
N GLU A 156 10.59 13.04 30.21
CA GLU A 156 9.64 12.16 30.89
C GLU A 156 9.59 10.77 30.25
N THR A 157 9.65 10.71 28.92
CA THR A 157 9.58 9.43 28.21
C THR A 157 10.78 8.54 28.58
N ALA A 158 11.98 9.11 28.49
CA ALA A 158 13.19 8.41 28.89
C ALA A 158 13.01 7.76 30.26
N GLY A 159 12.58 8.57 31.23
CA GLY A 159 12.28 8.07 32.57
C GLY A 159 11.36 6.86 32.54
N ALA A 160 10.24 6.99 31.82
CA ALA A 160 9.24 5.91 31.72
C ALA A 160 9.79 4.65 31.06
N VAL A 161 10.68 4.82 30.09
CA VAL A 161 11.30 3.69 29.42
C VAL A 161 12.08 2.84 30.41
N LYS A 162 12.89 3.51 31.25
CA LYS A 162 13.66 2.83 32.31
C LYS A 162 12.78 2.08 33.32
N ARG A 163 11.71 2.73 33.76
CA ARG A 163 10.80 2.08 34.71
C ARG A 163 10.12 0.89 34.07
N ALA A 164 9.81 1.03 32.77
CA ALA A 164 9.21 -0.06 32.01
C ALA A 164 10.19 -1.22 31.88
N MET A 165 11.47 -0.92 31.65
CA MET A 165 12.50 -1.95 31.62
C MET A 165 12.59 -2.69 32.96
N ARG A 166 12.67 -1.94 34.07
CA ARG A 166 12.72 -2.54 35.41
C ARG A 166 11.56 -3.48 35.62
N ASP A 167 10.37 -2.95 35.37
CA ASP A 167 9.12 -3.71 35.49
C ASP A 167 9.16 -4.99 34.65
N ALA A 168 9.84 -4.95 33.52
CA ALA A 168 9.97 -6.11 32.64
C ALA A 168 11.00 -7.14 33.13
N GLY A 169 11.98 -6.68 33.91
CA GLY A 169 13.08 -7.52 34.32
C GLY A 169 14.10 -7.64 33.21
N ILE A 170 14.31 -6.53 32.50
CA ILE A 170 15.24 -6.48 31.39
C ILE A 170 16.58 -5.99 31.92
N ALA A 171 17.56 -6.89 31.90
CA ALA A 171 18.85 -6.65 32.54
C ALA A 171 19.64 -5.54 31.86
N SER A 172 19.58 -5.48 30.53
CA SER A 172 20.34 -4.47 29.78
C SER A 172 19.72 -4.12 28.42
N ILE A 173 20.26 -3.06 27.82
CA ILE A 173 19.82 -2.60 26.51
C ILE A 173 19.90 -3.73 25.48
N ASP A 174 20.95 -4.53 25.56
CA ASP A 174 21.13 -5.66 24.65
C ASP A 174 19.90 -6.56 24.61
N ASP A 175 19.24 -6.72 25.76
CA ASP A 175 18.04 -7.55 25.85
C ASP A 175 16.73 -6.81 25.53
N LEU A 176 16.84 -5.55 25.13
CA LEU A 176 15.68 -4.75 24.78
C LEU A 176 15.45 -4.80 23.27
N HIS A 177 14.23 -5.18 22.87
CA HIS A 177 13.92 -5.40 21.45
C HIS A 177 12.81 -4.50 20.87
N PHE A 178 11.99 -3.88 21.72
CA PHE A 178 10.89 -3.05 21.23
C PHE A 178 10.37 -2.14 22.32
N VAL A 179 10.37 -0.83 22.04
CA VAL A 179 9.75 0.13 22.93
C VAL A 179 8.58 0.80 22.22
N GLN A 180 7.36 0.40 22.57
CA GLN A 180 6.17 1.07 22.07
C GLN A 180 5.84 2.23 22.98
N VAL A 181 5.51 3.37 22.39
CA VAL A 181 5.04 4.51 23.15
C VAL A 181 3.78 5.08 22.51
N LYS A 182 2.75 5.31 23.32
CA LYS A 182 1.56 6.00 22.88
C LYS A 182 1.68 7.42 23.38
N CYS A 183 1.46 8.41 22.51
CA CYS A 183 1.63 9.80 22.89
C CYS A 183 0.48 10.71 22.42
N PRO A 184 0.37 11.92 23.00
CA PRO A 184 -0.73 12.82 22.65
C PRO A 184 -0.52 13.57 21.34
N LEU A 185 -1.47 14.44 21.04
CA LEU A 185 -1.38 15.32 19.89
C LEU A 185 -2.08 16.62 20.27
N LEU A 186 -2.01 17.60 19.38
CA LEU A 186 -2.61 18.89 19.63
C LEU A 186 -3.95 19.01 18.90
N THR A 187 -4.92 19.59 19.58
CA THR A 187 -6.19 19.96 18.97
C THR A 187 -6.24 21.50 18.98
N PRO A 188 -7.21 22.09 18.26
CA PRO A 188 -7.39 23.55 18.36
C PRO A 188 -7.59 24.07 19.79
N ALA A 189 -8.26 23.30 20.65
CA ALA A 189 -8.55 23.77 22.02
C ALA A 189 -7.28 23.82 22.82
N LYS A 190 -6.52 22.74 22.76
CA LYS A 190 -5.21 22.67 23.40
C LYS A 190 -4.30 23.78 22.91
N ILE A 191 -4.34 24.06 21.61
CA ILE A 191 -3.53 25.14 21.04
C ILE A 191 -3.96 26.46 21.65
N ALA A 192 -5.26 26.70 21.70
CA ALA A 192 -5.79 27.93 22.28
C ALA A 192 -5.44 28.03 23.77
N SER A 193 -5.47 26.91 24.47
CA SER A 193 -5.15 26.89 25.89
C SER A 193 -3.72 27.31 26.10
N ALA A 194 -2.83 26.76 25.28
CA ALA A 194 -1.43 27.10 25.35
C ALA A 194 -1.24 28.58 25.04
N ARG A 195 -1.90 29.07 24.00
CA ARG A 195 -1.81 30.47 23.59
C ARG A 195 -2.21 31.43 24.68
N SER A 196 -3.29 31.11 25.38
CA SER A 196 -3.80 31.96 26.46
C SER A 196 -2.84 32.03 27.66
N ARG A 197 -1.91 31.08 27.78
CA ARG A 197 -0.81 31.15 28.75
C ARG A 197 0.45 31.84 28.17
N GLY A 198 0.30 32.45 27.00
CA GLY A 198 1.42 33.09 26.32
C GLY A 198 2.53 32.12 25.90
N CYS A 199 2.15 30.89 25.58
CA CYS A 199 3.12 29.86 25.16
C CYS A 199 2.75 29.37 23.77
N ALA A 200 3.66 29.54 22.83
CA ALA A 200 3.46 29.01 21.49
C ALA A 200 3.61 27.48 21.54
N PRO A 201 2.61 26.76 21.00
CA PRO A 201 2.78 25.32 20.88
C PRO A 201 3.80 25.02 19.80
N VAL A 202 4.36 23.81 19.82
CA VAL A 202 5.42 23.47 18.90
C VAL A 202 4.99 23.66 17.44
N THR A 203 3.71 23.47 17.17
CA THR A 203 3.13 23.73 15.85
C THR A 203 1.69 24.13 16.05
N THR A 204 1.05 24.66 15.02
CA THR A 204 -0.37 24.99 15.12
C THR A 204 -1.22 24.10 14.23
N ASP A 205 -0.54 23.20 13.51
CA ASP A 205 -1.20 22.25 12.65
C ASP A 205 -1.36 20.92 13.38
N THR A 206 -2.61 20.48 13.53
CA THR A 206 -2.90 19.31 14.36
C THR A 206 -2.28 18.05 13.78
N TYR A 207 -2.33 17.92 12.44
CA TYR A 207 -1.74 16.77 11.80
C TYR A 207 -0.25 16.70 12.11
N GLU A 208 0.45 17.79 11.83
CA GLU A 208 1.89 17.87 12.08
C GLU A 208 2.24 17.61 13.56
N SER A 209 1.40 18.07 14.47
CA SER A 209 1.64 17.86 15.92
C SER A 209 1.89 16.40 16.27
N MET A 210 1.30 15.50 15.51
CA MET A 210 1.48 14.07 15.75
C MET A 210 2.95 13.69 15.51
N GLY A 211 3.53 14.24 14.46
CA GLY A 211 4.94 14.00 14.13
C GLY A 211 5.87 14.45 15.24
N TYR A 212 5.65 15.66 15.74
CA TYR A 212 6.43 16.19 16.86
C TYR A 212 6.27 15.36 18.11
N SER A 213 5.05 14.96 18.42
CA SER A 213 4.81 14.14 19.61
C SER A 213 5.53 12.79 19.49
N ARG A 214 5.37 12.15 18.32
CA ARG A 214 6.03 10.89 18.04
C ARG A 214 7.53 11.04 18.07
N GLY A 215 8.01 12.15 17.51
CA GLY A 215 9.44 12.43 17.41
C GLY A 215 10.10 12.65 18.75
N ALA A 216 9.57 13.57 19.55
CA ALA A 216 10.11 13.83 20.89
C ALA A 216 10.08 12.55 21.74
N SER A 217 8.98 11.81 21.66
CA SER A 217 8.84 10.56 22.40
C SER A 217 9.88 9.54 21.98
N ALA A 218 10.13 9.45 20.66
CA ALA A 218 11.13 8.54 20.13
C ALA A 218 12.54 8.94 20.58
N LEU A 219 12.82 10.23 20.59
CA LEU A 219 14.08 10.71 21.11
C LEU A 219 14.23 10.44 22.61
N GLY A 220 13.10 10.39 23.32
CA GLY A 220 13.09 9.98 24.72
C GLY A 220 13.59 8.55 24.89
N ILE A 221 13.19 7.70 23.97
CA ILE A 221 13.61 6.30 23.98
C ILE A 221 15.09 6.23 23.65
N ALA A 222 15.51 6.99 22.64
CA ALA A 222 16.92 7.03 22.25
C ALA A 222 17.81 7.54 23.41
N LEU A 223 17.30 8.49 24.18
CA LEU A 223 18.01 9.01 25.34
C LEU A 223 18.25 7.89 26.36
N ALA A 224 17.15 7.26 26.78
CA ALA A 224 17.18 6.17 27.76
C ALA A 224 18.00 4.96 27.33
N THR A 225 18.08 4.72 26.03
CA THR A 225 18.82 3.57 25.52
C THR A 225 20.25 3.96 25.14
N GLU A 226 20.60 5.22 25.34
CA GLU A 226 21.94 5.73 25.05
C GLU A 226 22.34 5.59 23.57
N GLU A 227 21.34 5.54 22.69
CA GLU A 227 21.56 5.57 21.24
C GLU A 227 21.88 7.00 20.78
N VAL A 228 21.43 7.97 21.58
CA VAL A 228 21.69 9.37 21.30
C VAL A 228 22.14 10.06 22.61
N PRO A 229 23.28 10.77 22.57
CA PRO A 229 23.72 11.47 23.77
C PRO A 229 22.81 12.65 24.10
N SER A 230 22.57 12.83 25.40
CA SER A 230 21.70 13.88 25.91
C SER A 230 22.02 15.30 25.38
N SER A 231 23.31 15.58 25.17
CA SER A 231 23.76 16.88 24.68
C SER A 231 23.10 17.35 23.37
N MET A 232 22.79 16.40 22.48
CA MET A 232 22.22 16.72 21.17
C MET A 232 20.70 16.92 21.18
N LEU A 233 20.04 16.58 22.28
CA LEU A 233 18.57 16.55 22.34
C LEU A 233 17.98 17.87 22.76
N VAL A 234 18.24 18.91 21.98
CA VAL A 234 17.59 20.20 22.19
C VAL A 234 16.29 20.22 21.40
N ASP A 235 15.34 21.06 21.82
CA ASP A 235 14.02 21.15 21.16
C ASP A 235 14.10 21.30 19.64
N GLU A 236 15.05 22.11 19.21
CA GLU A 236 15.22 22.46 17.79
C GLU A 236 15.70 21.28 16.94
N SER A 237 16.20 20.22 17.57
CA SER A 237 16.63 19.03 16.83
C SER A 237 15.45 18.13 16.43
N VAL A 238 14.32 18.30 17.12
CA VAL A 238 13.12 17.49 16.91
C VAL A 238 12.55 17.78 15.53
N LEU A 239 12.33 16.70 14.77
CA LEU A 239 11.94 16.73 13.35
C LEU A 239 12.99 17.33 12.40
N ASN A 240 14.03 17.98 12.93
CA ASN A 240 15.08 18.54 12.09
C ASN A 240 16.17 17.52 11.81
N ASP A 241 16.85 17.11 12.87
CA ASP A 241 18.04 16.28 12.75
C ASP A 241 17.67 14.82 12.49
N TRP A 242 17.66 14.43 11.22
CA TRP A 242 17.32 13.06 10.83
C TRP A 242 18.32 12.01 11.36
N SER A 243 19.53 12.44 11.69
CA SER A 243 20.57 11.52 12.17
C SER A 243 20.29 10.98 13.57
N LEU A 244 19.54 11.73 14.37
CA LEU A 244 19.17 11.29 15.72
C LEU A 244 18.01 10.32 15.65
N SER A 245 18.21 9.11 16.17
CA SER A 245 17.15 8.11 16.10
C SER A 245 17.38 6.94 17.04
N SER A 246 16.29 6.26 17.38
CA SER A 246 16.31 5.00 18.09
C SER A 246 15.91 3.90 17.12
N SER A 247 16.69 2.82 17.12
CA SER A 247 16.39 1.66 16.31
C SER A 247 15.41 0.70 17.01
N LEU A 248 14.88 1.12 18.14
CA LEU A 248 13.93 0.33 18.93
C LEU A 248 12.58 1.02 19.14
N ALA A 249 12.51 2.31 18.82
CA ALA A 249 11.37 3.13 19.16
C ALA A 249 10.20 2.93 18.19
N SER A 250 9.01 2.74 18.72
CA SER A 250 7.77 2.76 17.94
C SER A 250 6.80 3.73 18.60
N ALA A 251 6.61 4.89 17.99
CA ALA A 251 5.78 5.94 18.59
C ALA A 251 4.47 6.11 17.82
N SER A 252 3.38 6.18 18.56
CA SER A 252 2.06 6.32 17.99
C SER A 252 1.31 7.42 18.73
N ALA A 253 0.90 8.46 18.01
CA ALA A 253 0.17 9.57 18.60
C ALA A 253 -1.32 9.33 18.54
N GLY A 254 -2.04 10.02 19.42
CA GLY A 254 -3.47 9.82 19.56
C GLY A 254 -4.13 10.95 20.31
N ILE A 255 -5.39 11.20 19.97
CA ILE A 255 -6.21 12.23 20.61
C ILE A 255 -6.78 11.77 21.95
N GLU A 256 -6.62 10.48 22.24
CA GLU A 256 -7.35 9.81 23.33
C GLU A 256 -6.66 9.90 24.69
N LEU A 257 -5.54 10.61 24.78
CA LEU A 257 -4.78 10.67 26.02
C LEU A 257 -3.86 11.90 26.07
N GLU A 258 -3.53 12.34 27.28
CA GLU A 258 -2.65 13.49 27.48
C GLU A 258 -1.26 13.15 28.02
N HIS A 259 -1.02 11.87 28.26
CA HIS A 259 0.27 11.40 28.77
C HIS A 259 0.90 10.37 27.79
N ASN A 260 2.09 9.88 28.10
CA ASN A 260 2.69 8.79 27.33
C ASN A 260 2.45 7.47 28.01
N VAL A 261 2.19 6.44 27.20
CA VAL A 261 2.13 5.08 27.67
C VAL A 261 3.30 4.35 27.03
N VAL A 262 4.08 3.64 27.84
CA VAL A 262 5.29 2.95 27.38
C VAL A 262 5.21 1.44 27.63
N ILE A 263 5.53 0.68 26.60
CA ILE A 263 5.62 -0.78 26.69
C ILE A 263 6.99 -1.20 26.21
N ALA A 264 7.79 -1.73 27.13
CA ALA A 264 9.11 -2.25 26.82
C ALA A 264 9.01 -3.77 26.70
N ILE A 265 9.45 -4.28 25.55
CA ILE A 265 9.39 -5.70 25.25
C ILE A 265 10.80 -6.19 24.94
N GLY A 266 11.17 -7.30 25.55
CA GLY A 266 12.54 -7.76 25.47
C GLY A 266 12.69 -9.19 25.94
N MET A 267 13.93 -9.57 26.20
CA MET A 267 14.26 -10.92 26.61
C MET A 267 14.86 -10.92 28.03
N SER A 268 14.55 -11.97 28.77
CA SER A 268 15.01 -12.08 30.16
C SER A 268 15.22 -13.54 30.55
N GLU A 269 16.26 -13.79 31.32
CA GLU A 269 16.49 -15.12 31.90
C GLU A 269 15.36 -15.49 32.88
N GLN A 270 14.78 -14.49 33.52
CA GLN A 270 13.75 -14.70 34.55
C GLN A 270 12.40 -15.09 33.94
N ALA A 271 12.25 -14.85 32.65
CA ALA A 271 11.00 -15.15 31.97
C ALA A 271 10.99 -16.60 31.51
N THR A 272 9.82 -17.22 31.57
CA THR A 272 9.67 -18.61 31.18
C THR A 272 8.73 -18.75 29.99
N SER A 273 8.48 -17.62 29.32
CA SER A 273 7.56 -17.59 28.19
C SER A 273 8.01 -18.58 27.13
N GLU A 274 7.05 -19.22 26.46
CA GLU A 274 7.32 -20.07 25.30
C GLU A 274 7.37 -19.20 24.04
N LEU A 275 8.01 -18.03 24.15
CA LEU A 275 8.00 -17.03 23.09
C LEU A 275 9.29 -16.25 23.16
N VAL A 276 9.72 -15.77 21.99
CA VAL A 276 10.91 -14.94 21.88
C VAL A 276 10.61 -13.72 21.02
N ILE A 277 11.54 -12.78 21.02
CA ILE A 277 11.39 -11.58 20.23
C ILE A 277 12.72 -11.19 19.63
N ALA A 278 12.69 -10.78 18.36
CA ALA A 278 13.86 -10.23 17.67
C ALA A 278 13.45 -8.98 16.98
N HIS A 279 14.41 -8.09 16.73
CA HIS A 279 14.11 -6.81 16.12
C HIS A 279 15.04 -6.50 14.96
N GLY A 280 14.58 -5.59 14.10
CA GLY A 280 15.38 -5.08 13.00
C GLY A 280 14.94 -3.71 12.57
N VAL A 281 15.56 -3.22 11.49
CA VAL A 281 15.20 -1.95 10.89
C VAL A 281 14.91 -2.15 9.40
N MET A 282 13.82 -1.59 8.94
CA MET A 282 13.59 -1.47 7.51
C MET A 282 14.33 -0.22 7.05
N SER A 283 15.13 -0.34 5.99
CA SER A 283 15.88 0.80 5.45
C SER A 283 14.93 1.77 4.78
N ASP A 284 13.83 1.24 4.26
CA ASP A 284 12.79 2.07 3.68
C ASP A 284 11.47 1.32 3.71
N ALA A 285 10.43 1.95 3.18
CA ALA A 285 9.07 1.42 3.28
C ALA A 285 8.85 0.07 2.58
N ILE A 286 9.70 -0.28 1.62
CA ILE A 286 9.51 -1.54 0.86
C ILE A 286 10.58 -2.58 1.18
N ASP A 287 11.34 -2.35 2.25
CA ASP A 287 12.45 -3.22 2.62
C ASP A 287 11.97 -4.53 3.26
N ALA A 288 11.23 -5.31 2.46
CA ALA A 288 10.76 -6.62 2.87
C ALA A 288 11.90 -7.57 3.18
N ALA A 289 13.06 -7.35 2.54
CA ALA A 289 14.23 -8.19 2.73
C ALA A 289 14.67 -8.23 4.19
N SER A 290 14.81 -7.05 4.81
N SER A 290 14.81 -7.05 4.81
CA SER A 290 15.19 -6.94 6.23
CA SER A 290 15.20 -6.94 6.21
C SER A 290 14.25 -7.69 7.15
C SER A 290 14.25 -7.68 7.14
N VAL A 291 12.96 -7.66 6.83
CA VAL A 291 11.96 -8.37 7.61
C VAL A 291 12.15 -9.86 7.46
N ARG A 292 12.33 -10.29 6.21
CA ARG A 292 12.61 -11.70 5.89
C ARG A 292 13.88 -12.17 6.56
N ARG A 293 14.88 -11.28 6.65
CA ARG A 293 16.16 -11.59 7.25
C ARG A 293 16.00 -11.77 8.76
N THR A 294 15.37 -10.81 9.42
CA THR A 294 15.10 -10.91 10.86
C THR A 294 14.26 -12.15 11.20
N ILE A 295 13.30 -12.47 10.35
CA ILE A 295 12.48 -13.67 10.57
C ILE A 295 13.35 -14.90 10.47
N GLU A 296 14.27 -14.89 9.53
CA GLU A 296 15.19 -16.01 9.33
C GLU A 296 16.16 -16.18 10.51
N SER A 297 16.55 -15.07 11.14
CA SER A 297 17.37 -15.09 12.35
C SER A 297 16.68 -15.74 13.56
N LEU A 298 15.38 -16.04 13.41
CA LEU A 298 14.61 -16.84 14.37
C LEU A 298 14.28 -18.23 13.79
N GLY A 299 15.13 -18.74 12.89
CA GLY A 299 14.97 -20.08 12.32
C GLY A 299 13.67 -20.40 11.58
N ILE A 300 13.03 -19.39 10.99
CA ILE A 300 11.76 -19.60 10.27
C ILE A 300 12.05 -19.47 8.78
N ARG A 301 11.88 -20.56 8.05
CA ARG A 301 12.47 -20.65 6.70
C ARG A 301 11.52 -21.07 5.59
N SER A 302 10.37 -21.65 5.91
CA SER A 302 9.39 -21.88 4.87
C SER A 302 8.03 -21.30 5.20
N ASP A 303 7.20 -21.11 4.18
CA ASP A 303 5.93 -20.37 4.31
C ASP A 303 5.02 -20.87 5.43
N ASP A 304 4.90 -22.19 5.60
CA ASP A 304 4.03 -22.72 6.66
C ASP A 304 4.68 -22.69 8.05
N GLU A 305 5.99 -22.51 8.10
CA GLU A 305 6.69 -22.25 9.36
C GLU A 305 6.35 -20.87 9.90
N MET A 306 5.71 -20.03 9.08
CA MET A 306 5.27 -18.71 9.50
C MET A 306 4.28 -18.76 10.64
N ASP A 307 3.55 -19.87 10.76
CA ASP A 307 2.64 -20.07 11.88
C ASP A 307 3.30 -19.97 13.24
N ARG A 308 4.62 -20.01 13.27
CA ARG A 308 5.35 -19.82 14.51
C ARG A 308 5.35 -18.35 14.94
N ILE A 309 5.12 -17.44 13.99
CA ILE A 309 5.06 -16.01 14.29
C ILE A 309 3.72 -15.63 14.88
N VAL A 310 3.75 -15.00 16.06
CA VAL A 310 2.52 -14.55 16.75
C VAL A 310 2.06 -13.24 16.12
N ASN A 311 2.95 -12.27 16.04
CA ASN A 311 2.69 -11.05 15.29
C ASN A 311 3.98 -10.36 14.91
N VAL A 312 3.86 -9.43 13.99
CA VAL A 312 4.94 -8.53 13.60
C VAL A 312 4.52 -7.11 13.94
N PHE A 313 5.49 -6.29 14.34
CA PHE A 313 5.24 -4.93 14.77
C PHE A 313 6.23 -4.05 14.05
N ALA A 314 5.73 -3.03 13.36
CA ALA A 314 6.60 -2.27 12.46
C ALA A 314 6.20 -0.84 12.32
N LYS A 315 7.21 0.00 12.11
CA LYS A 315 7.04 1.42 11.85
C LYS A 315 7.27 1.70 10.36
N ALA A 316 6.45 2.57 9.79
CA ALA A 316 6.50 2.93 8.39
C ALA A 316 6.37 4.42 8.26
N GLU A 317 7.05 5.00 7.29
CA GLU A 317 6.88 6.42 7.02
C GLU A 317 7.18 6.76 5.57
N ALA A 318 6.65 7.89 5.13
CA ALA A 318 6.94 8.43 3.83
C ALA A 318 8.33 9.04 3.90
N SER A 319 9.20 8.64 2.98
CA SER A 319 10.58 9.10 3.00
C SER A 319 10.61 10.61 2.83
N PRO A 320 11.12 11.34 3.85
CA PRO A 320 11.01 12.80 3.85
C PRO A 320 11.80 13.53 2.76
N ASP A 321 12.69 12.84 2.05
CA ASP A 321 13.36 13.43 0.88
C ASP A 321 12.48 13.39 -0.40
N GLY A 322 11.33 12.74 -0.33
CA GLY A 322 10.39 12.69 -1.45
C GLY A 322 10.71 11.64 -2.49
N VAL A 323 11.65 10.75 -2.15
CA VAL A 323 12.09 9.71 -3.06
C VAL A 323 12.21 8.40 -2.33
N VAL A 324 11.91 7.33 -3.05
CA VAL A 324 12.16 5.99 -2.58
C VAL A 324 12.97 5.28 -3.67
N ARG A 325 14.16 4.83 -3.28
CA ARG A 325 15.16 4.23 -4.16
C ARG A 325 15.31 5.01 -5.44
N GLY A 326 15.48 6.32 -5.29
CA GLY A 326 15.77 7.22 -6.41
C GLY A 326 14.58 7.74 -7.19
N MET A 327 13.40 7.11 -7.03
CA MET A 327 12.16 7.53 -7.69
C MET A 327 11.27 8.35 -6.78
N ARG A 328 10.76 9.46 -7.30
CA ARG A 328 9.82 10.33 -6.60
C ARG A 328 8.56 9.58 -6.12
N HIS A 329 8.11 9.88 -4.90
CA HIS A 329 6.80 9.43 -4.42
C HIS A 329 5.95 10.65 -4.14
N THR A 330 4.64 10.44 -4.00
CA THR A 330 3.66 11.53 -3.89
C THR A 330 2.97 11.55 -2.54
N MET A 331 3.47 10.73 -1.62
CA MET A 331 2.87 10.56 -0.28
C MET A 331 2.91 11.80 0.58
N LEU A 332 3.83 12.72 0.29
CA LEU A 332 3.99 13.95 1.09
C LEU A 332 3.40 15.18 0.39
N SER A 333 2.85 14.97 -0.82
CA SER A 333 2.27 16.05 -1.61
C SER A 333 0.79 15.82 -1.79
N ASP A 334 0.29 14.75 -1.19
CA ASP A 334 -1.08 14.32 -1.39
C ASP A 334 -1.92 14.95 -0.30
N SER A 335 -2.75 15.92 -0.68
CA SER A 335 -3.56 16.62 0.30
C SER A 335 -4.89 15.95 0.57
N ASP A 336 -5.19 14.85 -0.12
CA ASP A 336 -6.39 14.03 0.16
C ASP A 336 -6.09 12.94 1.18
N ILE A 337 -4.95 12.28 1.00
CA ILE A 337 -4.53 11.17 1.84
C ILE A 337 -3.17 11.50 2.49
N ASN A 338 -3.14 11.61 3.81
CA ASN A 338 -1.92 11.95 4.54
C ASN A 338 -0.87 10.87 4.36
N SER A 339 0.39 11.29 4.44
CA SER A 339 1.54 10.43 4.17
C SER A 339 1.56 9.16 5.03
N THR A 340 1.12 9.27 6.27
CA THR A 340 1.12 8.13 7.20
C THR A 340 0.17 7.04 6.74
N ARG A 341 -0.89 7.42 6.04
CA ARG A 341 -1.84 6.44 5.55
C ARG A 341 -1.22 5.66 4.38
N HIS A 342 -0.54 6.37 3.49
CA HIS A 342 0.14 5.74 2.37
C HIS A 342 1.18 4.81 2.91
N ALA A 343 1.97 5.32 3.84
CA ALA A 343 3.08 4.59 4.42
C ALA A 343 2.64 3.27 5.02
N ARG A 344 1.58 3.31 5.82
CA ARG A 344 1.03 2.08 6.42
C ARG A 344 0.57 1.12 5.33
N ALA A 345 -0.07 1.65 4.29
CA ALA A 345 -0.59 0.80 3.24
C ALA A 345 0.58 0.07 2.58
N VAL A 346 1.62 0.82 2.25
CA VAL A 346 2.80 0.30 1.58
C VAL A 346 3.54 -0.75 2.40
N THR A 347 3.84 -0.41 3.65
CA THR A 347 4.65 -1.30 4.50
C THR A 347 3.82 -2.49 4.96
N GLY A 348 2.54 -2.27 5.18
CA GLY A 348 1.62 -3.37 5.47
C GLY A 348 1.62 -4.41 4.37
N ALA A 349 1.71 -3.95 3.12
CA ALA A 349 1.69 -4.83 1.96
C ALA A 349 3.00 -5.59 1.84
N ALA A 350 4.09 -4.84 1.93
CA ALA A 350 5.43 -5.41 1.86
C ALA A 350 5.61 -6.53 2.89
N ILE A 351 5.09 -6.32 4.10
CA ILE A 351 5.16 -7.32 5.17
C ILE A 351 4.18 -8.47 4.91
N ALA A 352 2.95 -8.14 4.54
CA ALA A 352 1.98 -9.17 4.18
C ALA A 352 2.50 -10.12 3.11
N SER A 353 3.25 -9.61 2.14
CA SER A 353 3.78 -10.45 1.06
C SER A 353 4.78 -11.47 1.60
N VAL A 354 5.39 -11.16 2.76
CA VAL A 354 6.31 -12.05 3.42
C VAL A 354 5.59 -13.06 4.34
N VAL A 355 4.86 -12.56 5.33
CA VAL A 355 4.19 -13.44 6.31
C VAL A 355 2.92 -14.12 5.78
N GLY A 356 2.31 -13.53 4.75
CA GLY A 356 1.20 -14.18 4.04
C GLY A 356 -0.17 -13.60 4.34
N HIS A 357 -0.22 -12.52 5.11
CA HIS A 357 -1.47 -11.82 5.38
C HIS A 357 -1.21 -10.45 6.01
N GLY A 358 -2.25 -9.64 6.15
CA GLY A 358 -2.10 -8.27 6.65
C GLY A 358 -2.47 -8.02 8.09
N MET A 359 -2.87 -9.06 8.81
CA MET A 359 -3.10 -8.96 10.26
C MET A 359 -1.79 -8.81 11.02
N VAL A 360 -1.16 -7.65 10.84
CA VAL A 360 0.10 -7.32 11.50
C VAL A 360 0.02 -5.89 11.98
N TYR A 361 0.84 -5.54 12.96
CA TYR A 361 0.84 -4.21 13.55
C TYR A 361 1.81 -3.33 12.78
N VAL A 362 1.27 -2.39 12.03
CA VAL A 362 2.07 -1.42 11.30
C VAL A 362 1.55 -0.05 11.67
N SER A 363 2.45 0.78 12.17
CA SER A 363 2.13 2.10 12.66
C SER A 363 2.92 3.08 11.84
N GLY A 364 2.33 4.22 11.54
CA GLY A 364 2.92 5.15 10.59
C GLY A 364 3.44 6.40 11.25
N GLY A 365 4.42 7.01 10.60
CA GLY A 365 5.09 8.21 11.12
C GLY A 365 6.22 7.77 12.00
N ALA A 366 7.44 7.76 11.44
CA ALA A 366 8.59 7.09 12.07
C ALA A 366 9.76 8.04 12.28
N GLU A 367 9.44 9.24 12.73
CA GLU A 367 10.42 10.29 12.93
C GLU A 367 11.32 9.94 14.11
N HIS A 368 12.64 9.96 13.87
CA HIS A 368 13.66 9.52 14.82
C HIS A 368 13.45 8.09 15.27
N GLN A 369 12.85 7.30 14.40
CA GLN A 369 12.67 5.89 14.64
C GLN A 369 13.27 5.19 13.44
N GLY A 370 14.39 4.52 13.67
CA GLY A 370 15.12 3.84 12.61
C GLY A 370 15.68 4.90 11.68
N PRO A 371 16.05 4.49 10.45
CA PRO A 371 16.53 5.47 9.46
C PRO A 371 15.41 6.35 8.95
N ALA A 372 15.77 7.54 8.46
CA ALA A 372 14.81 8.42 7.80
C ALA A 372 14.26 7.70 6.55
N GLY A 373 12.93 7.58 6.47
CA GLY A 373 12.26 6.80 5.42
C GLY A 373 12.03 5.34 5.76
N GLY A 374 12.66 4.89 6.83
CA GLY A 374 12.52 3.52 7.30
C GLY A 374 12.03 3.50 8.72
N GLY A 375 12.04 2.34 9.33
CA GLY A 375 11.54 2.21 10.68
C GLY A 375 11.88 0.91 11.35
N PRO A 376 11.96 0.93 12.69
CA PRO A 376 12.19 -0.28 13.44
C PRO A 376 11.01 -1.21 13.32
N PHE A 377 11.28 -2.51 13.45
CA PHE A 377 10.25 -3.50 13.60
C PHE A 377 10.74 -4.61 14.53
N ALA A 378 9.80 -5.39 15.03
CA ALA A 378 10.08 -6.52 15.87
C ALA A 378 9.15 -7.66 15.51
N VAL A 379 9.57 -8.87 15.87
CA VAL A 379 8.82 -10.09 15.60
C VAL A 379 8.70 -10.93 16.87
N ILE A 380 7.49 -11.37 17.20
CA ILE A 380 7.27 -12.26 18.34
C ILE A 380 6.95 -13.64 17.78
N ALA A 381 7.68 -14.65 18.24
CA ALA A 381 7.55 -16.01 17.72
C ALA A 381 7.61 -17.04 18.81
N ARG A 382 6.99 -18.18 18.56
CA ARG A 382 7.09 -19.36 19.38
C ARG A 382 8.57 -19.73 19.52
N ALA A 383 8.99 -20.06 20.74
CA ALA A 383 10.37 -20.50 20.97
C ALA A 383 10.66 -21.82 20.24
N HIS B 20 2.95 -6.25 -42.05
CA HIS B 20 2.94 -6.16 -40.56
C HIS B 20 4.26 -6.58 -39.93
N MET B 21 5.33 -5.94 -40.38
CA MET B 21 6.67 -6.28 -39.95
C MET B 21 7.34 -5.06 -39.34
N TYR B 22 7.12 -4.85 -38.04
CA TYR B 22 7.64 -3.67 -37.36
C TYR B 22 8.84 -3.93 -36.44
N HIS B 23 9.45 -2.83 -36.03
CA HIS B 23 10.40 -2.81 -34.93
C HIS B 23 9.84 -1.89 -33.83
N ILE B 24 9.66 -2.46 -32.63
CA ILE B 24 9.09 -1.72 -31.51
C ILE B 24 10.12 -1.29 -30.49
N ASP B 25 10.09 0.01 -30.16
CA ASP B 25 10.87 0.56 -29.08
C ASP B 25 9.94 0.95 -27.94
N VAL B 26 10.39 0.77 -26.69
CA VAL B 26 9.60 1.07 -25.52
C VAL B 26 10.47 1.85 -24.54
N PHE B 27 9.96 2.98 -24.06
CA PHE B 27 10.72 3.87 -23.19
C PHE B 27 9.91 4.27 -21.96
N ARG B 28 10.44 3.93 -20.79
CA ARG B 28 9.88 4.39 -19.52
C ARG B 28 10.52 5.73 -19.18
N ILE B 29 9.70 6.77 -19.07
CA ILE B 29 10.23 8.09 -18.76
C ILE B 29 9.58 8.71 -17.54
N PRO B 30 10.39 9.23 -16.60
CA PRO B 30 9.85 9.89 -15.41
C PRO B 30 9.03 11.13 -15.70
N CYS B 31 8.09 11.44 -14.81
CA CYS B 31 7.35 12.69 -14.82
C CYS B 31 7.48 13.39 -13.48
N HIS B 32 7.68 14.70 -13.53
CA HIS B 32 7.79 15.51 -12.31
C HIS B 32 6.41 16.01 -11.92
N SER B 33 5.48 15.91 -12.85
CA SER B 33 4.12 16.40 -12.66
C SER B 33 3.33 15.92 -13.87
N PRO B 34 1.99 15.96 -13.79
CA PRO B 34 1.20 15.41 -14.87
C PRO B 34 1.50 16.03 -16.24
N GLY B 35 1.72 17.33 -16.27
CA GLY B 35 1.99 18.02 -17.54
C GLY B 35 3.42 17.94 -18.03
N ASP B 36 4.30 17.29 -17.28
CA ASP B 36 5.71 17.21 -17.64
C ASP B 36 5.94 16.37 -18.90
N THR B 37 6.40 17.02 -19.97
CA THR B 37 6.78 16.37 -21.22
C THR B 37 8.28 16.35 -21.44
N SER B 38 9.05 16.74 -20.43
CA SER B 38 10.49 17.00 -20.59
C SER B 38 11.30 15.77 -20.88
N GLY B 39 10.86 14.63 -20.37
CA GLY B 39 11.50 13.36 -20.66
C GLY B 39 11.24 12.92 -22.09
N LEU B 40 10.06 13.25 -22.60
CA LEU B 40 9.74 12.93 -23.98
C LEU B 40 10.51 13.83 -24.95
N GLU B 41 10.57 15.12 -24.63
CA GLU B 41 11.37 16.06 -25.42
C GLU B 41 12.85 15.68 -25.43
N ASP B 42 13.33 15.05 -24.35
CA ASP B 42 14.70 14.58 -24.31
C ASP B 42 14.95 13.47 -25.33
N LEU B 43 14.08 12.46 -25.36
CA LEU B 43 14.23 11.36 -26.30
C LEU B 43 14.22 11.84 -27.76
N ILE B 44 13.36 12.80 -28.05
CA ILE B 44 13.23 13.32 -29.39
C ILE B 44 14.50 14.09 -29.76
N GLU B 45 14.94 14.98 -28.87
CA GLU B 45 16.11 15.83 -29.14
C GLU B 45 17.47 15.09 -29.08
N THR B 46 17.51 13.93 -28.42
CA THR B 46 18.68 13.04 -28.48
C THR B 46 18.56 11.97 -29.59
N GLY B 47 17.54 12.09 -30.44
CA GLY B 47 17.36 11.18 -31.57
C GLY B 47 16.98 9.75 -31.27
N ARG B 48 16.71 9.42 -30.01
CA ARG B 48 16.41 8.03 -29.61
C ARG B 48 14.99 7.59 -29.99
N VAL B 49 14.13 8.54 -30.32
CA VAL B 49 12.81 8.22 -30.88
C VAL B 49 12.34 9.31 -31.85
N ALA B 50 11.67 8.90 -32.91
CA ALA B 50 11.11 9.82 -33.90
C ALA B 50 9.62 10.00 -33.64
N PRO B 51 9.16 11.26 -33.53
CA PRO B 51 7.77 11.58 -33.20
C PRO B 51 6.73 10.85 -34.05
N ALA B 52 7.02 10.68 -35.33
CA ALA B 52 6.08 10.04 -36.23
C ALA B 52 5.90 8.54 -35.93
N ASP B 53 6.87 7.96 -35.25
CA ASP B 53 6.85 6.53 -34.97
C ASP B 53 6.08 6.18 -33.70
N ILE B 54 5.81 7.18 -32.85
CA ILE B 54 5.15 6.93 -31.58
C ILE B 54 3.71 6.58 -31.85
N VAL B 55 3.29 5.41 -31.40
CA VAL B 55 1.93 4.93 -31.64
C VAL B 55 1.10 4.81 -30.36
N ALA B 56 1.73 4.84 -29.20
CA ALA B 56 1.01 4.72 -27.92
C ALA B 56 1.80 5.23 -26.72
N VAL B 57 1.09 5.85 -25.79
CA VAL B 57 1.64 6.19 -24.48
C VAL B 57 0.74 5.69 -23.39
N MET B 58 1.26 4.83 -22.53
CA MET B 58 0.56 4.40 -21.31
C MET B 58 1.18 5.10 -20.12
N GLY B 59 0.41 5.95 -19.44
CA GLY B 59 0.93 6.74 -18.34
C GLY B 59 0.34 6.47 -16.98
N LYS B 60 1.09 6.88 -15.96
CA LYS B 60 0.60 6.90 -14.60
C LYS B 60 0.72 8.33 -14.13
N THR B 61 -0.44 8.93 -13.82
CA THR B 61 -0.51 10.30 -13.36
C THR B 61 -0.96 10.38 -11.90
N GLU B 62 -0.55 11.44 -11.21
CA GLU B 62 -0.69 11.51 -9.74
C GLU B 62 -2.00 12.10 -9.22
N GLY B 63 -3.00 12.14 -10.08
CA GLY B 63 -4.35 12.41 -9.63
C GLY B 63 -4.86 11.20 -8.86
N ASN B 64 -6.14 11.23 -8.49
CA ASN B 64 -6.72 10.21 -7.60
C ASN B 64 -7.19 8.92 -8.32
N GLY B 65 -7.10 8.90 -9.65
CA GLY B 65 -7.42 7.70 -10.42
C GLY B 65 -8.89 7.32 -10.44
N CYS B 66 -9.75 8.25 -10.02
CA CYS B 66 -11.17 7.98 -9.93
C CYS B 66 -11.97 8.92 -10.86
N VAL B 67 -13.11 9.41 -10.43
CA VAL B 67 -13.93 10.22 -11.33
C VAL B 67 -13.31 11.61 -11.62
N ASN B 68 -13.23 12.46 -10.61
CA ASN B 68 -12.65 13.80 -10.76
C ASN B 68 -11.11 13.80 -10.74
N ASP B 69 -10.51 13.12 -11.70
CA ASP B 69 -9.08 13.13 -11.87
C ASP B 69 -8.84 13.64 -13.27
N TYR B 70 -8.27 14.84 -13.31
CA TYR B 70 -8.00 15.50 -14.57
C TYR B 70 -6.53 15.51 -14.92
N THR B 71 -5.73 14.80 -14.15
CA THR B 71 -4.33 14.68 -14.46
C THR B 71 -4.20 13.82 -15.70
N ARG B 72 -5.18 12.97 -15.94
CA ARG B 72 -5.14 12.05 -17.06
C ARG B 72 -5.27 12.80 -18.39
N GLU B 73 -6.23 13.70 -18.42
CA GLU B 73 -6.53 14.51 -19.58
C GLU B 73 -5.45 15.57 -19.75
N TYR B 74 -5.00 16.13 -18.63
CA TYR B 74 -3.93 17.12 -18.67
C TYR B 74 -2.66 16.51 -19.27
N ALA B 75 -2.29 15.30 -18.83
CA ALA B 75 -1.09 14.65 -19.34
C ALA B 75 -1.25 14.35 -20.81
N THR B 76 -2.41 13.84 -21.19
CA THR B 76 -2.72 13.56 -22.59
C THR B 76 -2.62 14.82 -23.44
N ALA B 77 -3.08 15.94 -22.89
CA ALA B 77 -3.16 17.19 -23.63
C ALA B 77 -1.76 17.75 -23.88
N MET B 78 -0.89 17.64 -22.89
CA MET B 78 0.46 18.15 -23.03
C MET B 78 1.29 17.26 -23.92
N LEU B 79 1.13 15.95 -23.80
CA LEU B 79 1.85 15.04 -24.68
C LEU B 79 1.45 15.27 -26.14
N ALA B 80 0.14 15.40 -26.37
CA ALA B 80 -0.39 15.64 -27.71
C ALA B 80 0.10 16.95 -28.29
N ALA B 81 0.19 17.99 -27.45
CA ALA B 81 0.69 19.30 -27.85
C ALA B 81 2.16 19.21 -28.23
N CYS B 82 2.92 18.51 -27.38
CA CYS B 82 4.35 18.29 -27.61
C CYS B 82 4.57 17.60 -28.97
N LEU B 83 3.87 16.49 -29.18
CA LEU B 83 3.98 15.79 -30.46
C LEU B 83 3.44 16.61 -31.62
N GLY B 84 2.40 17.40 -31.36
CA GLY B 84 1.79 18.26 -32.38
C GLY B 84 2.77 19.26 -32.95
N ARG B 85 3.55 19.89 -32.09
CA ARG B 85 4.59 20.81 -32.51
C ARG B 85 5.52 20.15 -33.52
N HIS B 86 6.05 19.00 -33.14
CA HIS B 86 7.02 18.27 -33.95
C HIS B 86 6.45 17.79 -35.26
N LEU B 87 5.20 17.37 -35.25
CA LEU B 87 4.56 16.83 -36.43
C LEU B 87 3.76 17.88 -37.15
N GLN B 88 3.75 19.09 -36.60
CA GLN B 88 2.89 20.15 -37.11
C GLN B 88 1.49 19.63 -37.32
N LEU B 89 0.92 19.19 -36.22
CA LEU B 89 -0.45 18.75 -36.19
C LEU B 89 -1.18 19.43 -35.03
N PRO B 90 -2.49 19.57 -35.17
CA PRO B 90 -3.30 19.93 -34.02
C PRO B 90 -3.34 18.76 -33.01
N PRO B 91 -3.31 19.08 -31.71
CA PRO B 91 -3.35 18.06 -30.66
C PRO B 91 -4.43 17.02 -30.88
N HIS B 92 -5.62 17.43 -31.28
CA HIS B 92 -6.74 16.51 -31.44
C HIS B 92 -6.48 15.52 -32.57
N GLU B 93 -5.67 15.92 -33.54
CA GLU B 93 -5.26 15.01 -34.61
C GLU B 93 -4.31 13.96 -34.06
N VAL B 94 -3.38 14.40 -33.22
CA VAL B 94 -2.41 13.50 -32.59
C VAL B 94 -3.12 12.43 -31.77
N GLU B 95 -4.20 12.82 -31.09
CA GLU B 95 -4.96 11.87 -30.27
C GLU B 95 -5.72 10.79 -31.07
N LYS B 96 -5.85 10.97 -32.38
CA LYS B 96 -6.40 9.93 -33.24
C LYS B 96 -5.27 9.07 -33.78
N ARG B 97 -4.08 9.65 -33.85
CA ARG B 97 -2.90 8.99 -34.38
C ARG B 97 -2.26 8.10 -33.31
N VAL B 98 -2.30 8.59 -32.08
CA VAL B 98 -1.63 7.94 -30.95
C VAL B 98 -2.64 7.53 -29.89
N ALA B 99 -2.49 6.31 -29.38
CA ALA B 99 -3.32 5.86 -28.29
C ALA B 99 -2.73 6.32 -26.95
N PHE B 100 -3.34 7.35 -26.37
CA PHE B 100 -2.99 7.80 -25.03
C PHE B 100 -3.86 7.08 -24.03
N VAL B 101 -3.24 6.36 -23.11
CA VAL B 101 -3.94 5.69 -22.02
C VAL B 101 -3.31 6.13 -20.70
N MET B 102 -3.98 7.06 -20.03
CA MET B 102 -3.48 7.62 -18.78
C MET B 102 -4.26 7.03 -17.60
N SER B 103 -3.55 6.31 -16.74
CA SER B 103 -4.13 5.75 -15.53
C SER B 103 -3.74 6.61 -14.34
N GLY B 104 -4.75 7.24 -13.72
CA GLY B 104 -4.52 8.07 -12.56
C GLY B 104 -4.30 7.22 -11.32
N GLY B 105 -3.74 7.84 -10.29
CA GLY B 105 -3.59 7.18 -9.00
C GLY B 105 -2.22 6.57 -8.85
N THR B 106 -1.35 7.28 -8.15
CA THR B 106 0.00 6.82 -7.90
C THR B 106 0.22 6.86 -6.40
N GLU B 107 -0.49 5.99 -5.71
CA GLU B 107 -0.45 5.94 -4.25
C GLU B 107 0.74 5.10 -3.77
N GLY B 108 1.13 5.32 -2.51
CA GLY B 108 2.25 4.63 -1.91
C GLY B 108 3.55 5.00 -2.63
N VAL B 109 4.27 3.98 -3.10
CA VAL B 109 5.55 4.21 -3.78
C VAL B 109 5.42 4.37 -5.30
N LEU B 110 4.20 4.37 -5.81
CA LEU B 110 3.98 4.50 -7.27
C LEU B 110 4.54 5.83 -7.74
N SER B 111 5.42 5.78 -8.74
CA SER B 111 6.13 6.96 -9.21
C SER B 111 5.62 7.37 -10.58
N PRO B 112 5.06 8.57 -10.68
CA PRO B 112 4.50 8.99 -11.97
C PRO B 112 5.47 8.87 -13.16
N HIS B 113 4.94 8.51 -14.32
CA HIS B 113 5.76 8.24 -15.48
C HIS B 113 4.91 7.89 -16.68
N HIS B 114 5.54 7.88 -17.84
CA HIS B 114 4.93 7.40 -19.07
C HIS B 114 5.73 6.24 -19.61
N THR B 115 5.04 5.27 -20.20
CA THR B 115 5.70 4.35 -21.08
C THR B 115 5.36 4.69 -22.51
N VAL B 116 6.39 5.04 -23.29
CA VAL B 116 6.23 5.43 -24.69
C VAL B 116 6.56 4.27 -25.62
N PHE B 117 5.61 3.95 -26.49
CA PHE B 117 5.77 2.90 -27.50
C PHE B 117 5.91 3.50 -28.92
N ALA B 118 7.01 3.17 -29.57
CA ALA B 118 7.28 3.61 -30.92
C ALA B 118 7.35 2.41 -31.86
N ARG B 119 6.84 2.59 -33.08
CA ARG B 119 6.76 1.52 -34.07
C ARG B 119 7.37 1.97 -35.38
N ARG B 120 8.33 1.20 -35.89
CA ARG B 120 8.97 1.49 -37.16
C ARG B 120 8.89 0.29 -38.07
N PRO B 121 8.90 0.51 -39.40
CA PRO B 121 8.91 -0.66 -40.28
C PRO B 121 10.11 -1.54 -39.97
N ALA B 122 9.90 -2.85 -40.01
CA ALA B 122 10.90 -3.82 -39.56
C ALA B 122 12.24 -3.55 -40.20
N ILE B 123 13.30 -3.56 -39.39
CA ILE B 123 14.64 -3.43 -39.96
C ILE B 123 14.75 -4.60 -40.96
N ASP B 124 15.10 -4.32 -42.22
CA ASP B 124 14.91 -5.30 -43.32
C ASP B 124 15.56 -6.67 -43.02
N ALA B 125 14.80 -7.52 -42.35
CA ALA B 125 15.26 -8.78 -41.76
C ALA B 125 16.05 -9.66 -42.75
N HIS B 126 17.19 -10.27 -42.37
CA HIS B 126 17.80 -10.38 -40.99
C HIS B 126 16.81 -10.45 -39.80
N ARG B 127 16.13 -11.59 -39.68
CA ARG B 127 15.10 -11.79 -38.66
C ARG B 127 15.74 -12.48 -37.45
N PRO B 128 15.60 -11.91 -36.24
CA PRO B 128 16.07 -12.65 -35.05
C PRO B 128 15.45 -14.04 -34.91
N ALA B 129 16.07 -14.86 -34.08
CA ALA B 129 15.75 -16.29 -34.03
C ALA B 129 14.39 -16.62 -33.41
N GLY B 130 13.83 -15.72 -32.60
CA GLY B 130 12.50 -15.91 -32.00
C GLY B 130 11.44 -14.85 -32.30
N LYS B 131 10.23 -15.05 -31.77
CA LYS B 131 9.19 -14.03 -31.82
C LYS B 131 9.66 -12.86 -30.96
N ARG B 132 9.22 -11.65 -31.30
CA ARG B 132 9.57 -10.45 -30.54
C ARG B 132 8.38 -9.53 -30.34
N LEU B 133 8.57 -8.54 -29.50
CA LEU B 133 7.50 -7.62 -29.08
C LEU B 133 6.86 -6.91 -30.25
N THR B 134 5.56 -7.10 -30.39
CA THR B 134 4.78 -6.29 -31.29
C THR B 134 3.62 -5.65 -30.55
N LEU B 135 3.08 -4.62 -31.18
CA LEU B 135 2.03 -3.81 -30.58
C LEU B 135 1.07 -3.35 -31.67
N GLY B 136 -0.22 -3.34 -31.37
CA GLY B 136 -1.23 -2.81 -32.26
C GLY B 136 -2.27 -2.06 -31.49
N ILE B 137 -2.91 -1.08 -32.13
CA ILE B 137 -3.90 -0.24 -31.45
C ILE B 137 -5.23 -0.21 -32.21
N ALA B 138 -6.29 0.13 -31.49
CA ALA B 138 -7.61 0.29 -32.09
C ALA B 138 -8.48 1.17 -31.20
N PHE B 139 -9.55 1.70 -31.79
CA PHE B 139 -10.50 2.55 -31.07
C PHE B 139 -11.88 2.06 -31.38
N THR B 140 -12.80 2.23 -30.42
CA THR B 140 -14.22 2.09 -30.70
C THR B 140 -14.84 3.45 -30.89
N ARG B 141 -16.09 3.44 -31.33
CA ARG B 141 -16.91 4.64 -31.33
C ARG B 141 -17.17 5.12 -29.91
N ASP B 142 -17.63 6.37 -29.83
CA ASP B 142 -18.15 6.92 -28.60
C ASP B 142 -19.38 6.12 -28.18
N PHE B 143 -19.51 5.91 -26.86
CA PHE B 143 -20.67 5.23 -26.28
C PHE B 143 -21.68 6.23 -25.79
N LEU B 144 -22.94 5.83 -25.82
CA LEU B 144 -23.97 6.58 -25.15
C LEU B 144 -23.82 6.27 -23.67
N PRO B 145 -24.17 7.23 -22.81
CA PRO B 145 -24.18 7.00 -21.37
C PRO B 145 -24.81 5.66 -20.98
N GLU B 146 -25.99 5.40 -21.52
CA GLU B 146 -26.74 4.16 -21.21
C GLU B 146 -26.11 2.87 -21.74
N GLU B 147 -25.03 2.98 -22.52
CA GLU B 147 -24.34 1.82 -23.06
C GLU B 147 -23.15 1.40 -22.21
N ILE B 148 -22.76 2.24 -21.27
CA ILE B 148 -21.59 1.95 -20.47
C ILE B 148 -21.91 0.83 -19.49
N GLY B 149 -20.99 -0.13 -19.41
CA GLY B 149 -21.17 -1.26 -18.53
C GLY B 149 -22.04 -2.34 -19.12
N ARG B 150 -22.49 -2.13 -20.36
CA ARG B 150 -23.43 -3.03 -20.97
C ARG B 150 -22.94 -3.63 -22.27
N HIS B 151 -23.82 -4.40 -22.88
CA HIS B 151 -23.55 -5.19 -24.08
C HIS B 151 -22.85 -4.44 -25.23
N ALA B 152 -23.32 -3.23 -25.55
CA ALA B 152 -22.71 -2.47 -26.62
C ALA B 152 -21.21 -2.28 -26.36
N GLN B 153 -20.87 -1.94 -25.12
CA GLN B 153 -19.48 -1.74 -24.74
C GLN B 153 -18.69 -3.03 -24.87
N ILE B 154 -19.26 -4.14 -24.41
CA ILE B 154 -18.62 -5.46 -24.55
C ILE B 154 -18.31 -5.76 -26.02
N THR B 155 -19.35 -5.70 -26.85
CA THR B 155 -19.25 -6.12 -28.26
C THR B 155 -18.31 -5.20 -29.03
N GLU B 156 -18.44 -3.88 -28.87
CA GLU B 156 -17.52 -2.95 -29.54
C GLU B 156 -16.06 -3.18 -29.12
N THR B 157 -15.83 -3.45 -27.84
CA THR B 157 -14.48 -3.69 -27.37
C THR B 157 -13.87 -4.94 -28.03
N ALA B 158 -14.61 -6.04 -28.00
CA ALA B 158 -14.17 -7.28 -28.65
C ALA B 158 -13.71 -6.98 -30.06
N GLY B 159 -14.56 -6.29 -30.82
CA GLY B 159 -14.22 -5.88 -32.18
C GLY B 159 -12.89 -5.16 -32.25
N ALA B 160 -12.73 -4.16 -31.40
CA ALA B 160 -11.51 -3.36 -31.34
C ALA B 160 -10.26 -4.19 -30.96
N VAL B 161 -10.45 -5.17 -30.08
CA VAL B 161 -9.33 -6.04 -29.68
C VAL B 161 -8.78 -6.82 -30.86
N LYS B 162 -9.69 -7.38 -31.67
CA LYS B 162 -9.32 -8.10 -32.89
C LYS B 162 -8.61 -7.20 -33.90
N ARG B 163 -9.10 -5.98 -34.11
CA ARG B 163 -8.46 -5.04 -35.05
C ARG B 163 -7.09 -4.65 -34.54
N ALA B 164 -6.98 -4.52 -33.22
CA ALA B 164 -5.72 -4.22 -32.57
C ALA B 164 -4.72 -5.37 -32.72
N MET B 165 -5.20 -6.60 -32.59
CA MET B 165 -4.38 -7.78 -32.88
C MET B 165 -3.88 -7.80 -34.34
N ARG B 166 -4.79 -7.62 -35.29
CA ARG B 166 -4.41 -7.60 -36.71
C ARG B 166 -3.35 -6.54 -36.97
N ASP B 167 -3.62 -5.33 -36.48
CA ASP B 167 -2.67 -4.21 -36.59
C ASP B 167 -1.31 -4.54 -35.99
N ALA B 168 -1.30 -5.36 -34.94
CA ALA B 168 -0.06 -5.78 -34.29
C ALA B 168 0.70 -6.88 -35.06
N GLY B 169 -0.03 -7.65 -35.87
CA GLY B 169 0.54 -8.79 -36.57
C GLY B 169 0.67 -9.97 -35.62
N ILE B 170 -0.34 -10.11 -34.75
CA ILE B 170 -0.36 -11.16 -33.77
C ILE B 170 -1.14 -12.33 -34.37
N ALA B 171 -0.41 -13.41 -34.65
CA ALA B 171 -0.94 -14.55 -35.39
C ALA B 171 -2.03 -15.29 -34.61
N SER B 172 -1.86 -15.41 -33.29
CA SER B 172 -2.84 -16.12 -32.46
C SER B 172 -2.87 -15.65 -31.01
N ILE B 173 -3.90 -16.11 -30.31
CA ILE B 173 -4.12 -15.80 -28.91
C ILE B 173 -2.87 -16.17 -28.10
N ASP B 174 -2.27 -17.31 -28.44
CA ASP B 174 -1.05 -17.77 -27.74
C ASP B 174 0.03 -16.70 -27.71
N ASP B 175 0.13 -15.91 -28.78
CA ASP B 175 1.10 -14.83 -28.86
C ASP B 175 0.63 -13.50 -28.27
N LEU B 176 -0.57 -13.48 -27.69
CA LEU B 176 -1.11 -12.28 -27.09
C LEU B 176 -0.82 -12.26 -25.59
N HIS B 177 -0.22 -11.17 -25.12
CA HIS B 177 0.24 -11.11 -23.74
C HIS B 177 -0.37 -10.00 -22.91
N PHE B 178 -0.94 -8.98 -23.53
CA PHE B 178 -1.51 -7.86 -22.79
C PHE B 178 -2.48 -7.04 -23.61
N VAL B 179 -3.69 -6.90 -23.10
CA VAL B 179 -4.67 -6.02 -23.74
C VAL B 179 -5.06 -4.88 -22.79
N GLN B 180 -4.54 -3.69 -23.06
CA GLN B 180 -4.91 -2.51 -22.30
C GLN B 180 -6.12 -1.87 -22.95
N VAL B 181 -7.08 -1.46 -22.13
CA VAL B 181 -8.22 -0.71 -22.61
C VAL B 181 -8.47 0.50 -21.72
N LYS B 182 -8.66 1.66 -22.35
CA LYS B 182 -9.10 2.86 -21.66
C LYS B 182 -10.56 3.06 -21.93
N CYS B 183 -11.36 3.31 -20.90
CA CYS B 183 -12.81 3.38 -21.09
C CYS B 183 -13.45 4.53 -20.33
N PRO B 184 -14.69 4.88 -20.68
CA PRO B 184 -15.35 6.03 -20.07
C PRO B 184 -15.95 5.74 -18.71
N LEU B 185 -16.60 6.74 -18.17
CA LEU B 185 -17.34 6.60 -16.93
C LEU B 185 -18.56 7.52 -17.03
N LEU B 186 -19.41 7.47 -16.02
CA LEU B 186 -20.62 8.27 -15.98
C LEU B 186 -20.45 9.47 -15.10
N THR B 187 -20.98 10.60 -15.54
CA THR B 187 -21.06 11.81 -14.73
C THR B 187 -22.54 12.07 -14.52
N PRO B 188 -22.90 13.00 -13.62
CA PRO B 188 -24.31 13.38 -13.48
C PRO B 188 -24.97 13.88 -14.79
N ALA B 189 -24.22 14.55 -15.66
CA ALA B 189 -24.80 15.10 -16.90
C ALA B 189 -25.14 13.97 -17.84
N LYS B 190 -24.18 13.07 -18.02
CA LYS B 190 -24.41 11.87 -18.82
C LYS B 190 -25.58 11.04 -18.27
N ILE B 191 -25.67 10.92 -16.95
CA ILE B 191 -26.79 10.22 -16.33
C ILE B 191 -28.12 10.92 -16.68
N ALA B 192 -28.16 12.25 -16.52
CA ALA B 192 -29.36 13.01 -16.86
C ALA B 192 -29.71 12.89 -18.34
N SER B 193 -28.70 12.88 -19.19
CA SER B 193 -28.92 12.79 -20.63
C SER B 193 -29.55 11.44 -20.95
N ALA B 194 -29.06 10.38 -20.33
CA ALA B 194 -29.63 9.05 -20.50
C ALA B 194 -31.08 9.01 -20.01
N ARG B 195 -31.32 9.58 -18.82
CA ARG B 195 -32.64 9.62 -18.23
C ARG B 195 -33.67 10.31 -19.11
N SER B 196 -33.27 11.43 -19.72
CA SER B 196 -34.17 12.19 -20.59
C SER B 196 -34.55 11.43 -21.87
N ARG B 197 -33.77 10.41 -22.24
CA ARG B 197 -34.14 9.49 -23.33
C ARG B 197 -34.95 8.28 -22.85
N GLY B 198 -35.37 8.33 -21.58
CA GLY B 198 -36.07 7.21 -20.97
C GLY B 198 -35.24 5.94 -20.85
N CYS B 199 -33.93 6.09 -20.64
CA CYS B 199 -33.03 4.95 -20.47
C CYS B 199 -32.32 5.04 -19.14
N ALA B 200 -32.49 4.03 -18.29
CA ALA B 200 -31.77 3.98 -17.04
C ALA B 200 -30.30 3.62 -17.33
N PRO B 201 -29.35 4.43 -16.80
CA PRO B 201 -27.95 4.04 -16.90
C PRO B 201 -27.66 2.84 -16.00
N VAL B 202 -26.58 2.13 -16.27
CA VAL B 202 -26.29 0.91 -15.55
C VAL B 202 -26.20 1.15 -14.03
N THR B 203 -25.78 2.36 -13.64
CA THR B 203 -25.76 2.74 -12.24
C THR B 203 -25.97 4.26 -12.20
N THR B 204 -26.24 4.81 -11.03
CA THR B 204 -26.34 6.26 -10.90
C THR B 204 -25.19 6.83 -10.08
N ASP B 205 -24.32 5.94 -9.59
CA ASP B 205 -23.15 6.32 -8.80
C ASP B 205 -21.91 6.39 -9.71
N THR B 206 -21.29 7.57 -9.75
CA THR B 206 -20.24 7.83 -10.72
C THR B 206 -19.02 6.98 -10.42
N TYR B 207 -18.71 6.80 -9.14
CA TYR B 207 -17.59 5.96 -8.74
C TYR B 207 -17.80 4.54 -9.24
N GLU B 208 -18.96 3.97 -8.88
CA GLU B 208 -19.31 2.61 -9.30
C GLU B 208 -19.33 2.44 -10.82
N SER B 209 -19.77 3.45 -11.55
CA SER B 209 -19.76 3.41 -13.04
C SER B 209 -18.41 3.03 -13.62
N MET B 210 -17.33 3.37 -12.93
CA MET B 210 -15.98 3.01 -13.39
C MET B 210 -15.78 1.50 -13.40
N GLY B 211 -16.24 0.85 -12.34
CA GLY B 211 -16.21 -0.61 -12.26
C GLY B 211 -16.96 -1.27 -13.40
N TYR B 212 -18.18 -0.82 -13.67
CA TYR B 212 -18.99 -1.34 -14.77
C TYR B 212 -18.30 -1.14 -16.12
N SER B 213 -17.76 0.06 -16.33
CA SER B 213 -17.09 0.35 -17.59
C SER B 213 -15.86 -0.53 -17.78
N ARG B 214 -15.05 -0.64 -16.73
CA ARG B 214 -13.89 -1.52 -16.75
C ARG B 214 -14.29 -2.97 -16.95
N GLY B 215 -15.36 -3.37 -16.26
CA GLY B 215 -15.84 -4.74 -16.29
C GLY B 215 -16.34 -5.16 -17.66
N ALA B 216 -17.28 -4.40 -18.21
CA ALA B 216 -17.80 -4.69 -19.54
C ALA B 216 -16.67 -4.74 -20.57
N SER B 217 -15.76 -3.77 -20.49
CA SER B 217 -14.63 -3.70 -21.41
C SER B 217 -13.73 -4.93 -21.28
N ALA B 218 -13.50 -5.38 -20.06
CA ALA B 218 -12.69 -6.56 -19.81
C ALA B 218 -13.37 -7.83 -20.37
N LEU B 219 -14.68 -7.91 -20.21
CA LEU B 219 -15.43 -9.01 -20.80
C LEU B 219 -15.39 -8.96 -22.32
N GLY B 220 -15.26 -7.75 -22.87
CA GLY B 220 -15.08 -7.59 -24.31
C GLY B 220 -13.79 -8.23 -24.78
N ILE B 221 -12.75 -8.10 -23.97
CA ILE B 221 -11.46 -8.73 -24.26
C ILE B 221 -11.60 -10.24 -24.14
N ALA B 222 -12.25 -10.70 -23.07
CA ALA B 222 -12.46 -12.14 -22.86
C ALA B 222 -13.26 -12.75 -24.00
N LEU B 223 -14.21 -11.99 -24.54
CA LEU B 223 -14.99 -12.45 -25.69
C LEU B 223 -14.08 -12.68 -26.88
N ALA B 224 -13.35 -11.63 -27.28
CA ALA B 224 -12.44 -11.66 -28.43
C ALA B 224 -11.31 -12.67 -28.33
N THR B 225 -10.90 -13.00 -27.11
CA THR B 225 -9.86 -13.99 -26.89
C THR B 225 -10.42 -15.39 -26.66
N GLU B 226 -11.75 -15.52 -26.69
CA GLU B 226 -12.42 -16.80 -26.48
C GLU B 226 -12.14 -17.44 -25.10
N GLU B 227 -11.79 -16.60 -24.11
CA GLU B 227 -11.63 -17.05 -22.72
C GLU B 227 -12.98 -17.23 -22.08
N VAL B 228 -13.97 -16.54 -22.62
CA VAL B 228 -15.32 -16.65 -22.12
C VAL B 228 -16.25 -16.80 -23.33
N PRO B 229 -17.11 -17.83 -23.30
CA PRO B 229 -18.04 -17.98 -24.42
C PRO B 229 -19.08 -16.88 -24.44
N SER B 230 -19.41 -16.43 -25.65
CA SER B 230 -20.38 -15.36 -25.88
C SER B 230 -21.72 -15.55 -25.14
N SER B 231 -22.17 -16.80 -25.05
CA SER B 231 -23.45 -17.13 -24.42
C SER B 231 -23.62 -16.60 -22.98
N MET B 232 -22.52 -16.54 -22.24
CA MET B 232 -22.55 -16.12 -20.84
C MET B 232 -22.52 -14.60 -20.61
N LEU B 233 -22.24 -13.84 -21.68
CA LEU B 233 -21.99 -12.40 -21.56
C LEU B 233 -23.24 -11.55 -21.68
N VAL B 234 -24.19 -11.80 -20.78
CA VAL B 234 -25.36 -10.96 -20.70
C VAL B 234 -25.06 -9.78 -19.76
N ASP B 235 -25.78 -8.69 -19.92
CA ASP B 235 -25.56 -7.48 -19.11
C ASP B 235 -25.49 -7.76 -17.62
N GLU B 236 -26.38 -8.63 -17.17
CA GLU B 236 -26.55 -8.92 -15.75
C GLU B 236 -25.35 -9.67 -15.16
N SER B 237 -24.50 -10.23 -16.00
CA SER B 237 -23.30 -10.93 -15.53
C SER B 237 -22.18 -9.97 -15.14
N VAL B 238 -22.28 -8.74 -15.63
CA VAL B 238 -21.28 -7.69 -15.40
C VAL B 238 -21.27 -7.27 -13.93
N LEU B 239 -20.08 -7.34 -13.33
CA LEU B 239 -19.84 -7.19 -11.89
C LEU B 239 -20.40 -8.31 -11.00
N ASN B 240 -21.31 -9.12 -11.52
CA ASN B 240 -21.88 -10.21 -10.72
C ASN B 240 -21.06 -11.47 -10.79
N ASP B 241 -20.93 -12.01 -11.99
CA ASP B 241 -20.30 -13.30 -12.20
C ASP B 241 -18.79 -13.18 -12.15
N TRP B 242 -18.23 -13.43 -10.96
CA TRP B 242 -16.78 -13.36 -10.77
C TRP B 242 -15.99 -14.38 -11.57
N SER B 243 -16.64 -15.46 -11.97
CA SER B 243 -15.93 -16.53 -12.67
C SER B 243 -15.54 -16.12 -14.09
N LEU B 244 -16.28 -15.17 -14.66
CA LEU B 244 -15.99 -14.70 -16.04
C LEU B 244 -14.85 -13.70 -15.99
N SER B 245 -13.79 -13.98 -16.73
CA SER B 245 -12.63 -13.11 -16.71
C SER B 245 -11.66 -13.38 -17.84
N SER B 246 -10.88 -12.35 -18.15
CA SER B 246 -9.77 -12.46 -19.05
C SER B 246 -8.49 -12.37 -18.24
N SER B 247 -7.57 -13.29 -18.53
CA SER B 247 -6.28 -13.29 -17.89
C SER B 247 -5.29 -12.37 -18.60
N LEU B 248 -5.77 -11.61 -19.56
CA LEU B 248 -4.95 -10.67 -20.35
C LEU B 248 -5.44 -9.22 -20.24
N ALA B 249 -6.65 -9.03 -19.73
CA ALA B 249 -7.32 -7.73 -19.78
C ALA B 249 -6.82 -6.76 -18.71
N SER B 250 -6.52 -5.54 -19.12
CA SER B 250 -6.23 -4.45 -18.20
C SER B 250 -7.11 -3.26 -18.56
N ALA B 251 -8.12 -2.99 -17.74
CA ALA B 251 -9.07 -1.92 -18.04
C ALA B 251 -8.92 -0.74 -17.09
N SER B 252 -8.92 0.46 -17.65
CA SER B 252 -8.77 1.67 -16.90
C SER B 252 -9.83 2.67 -17.36
N ALA B 253 -10.68 3.12 -16.42
CA ALA B 253 -11.74 4.08 -16.75
C ALA B 253 -11.27 5.50 -16.56
N GLY B 254 -11.96 6.42 -17.20
CA GLY B 254 -11.56 7.82 -17.19
C GLY B 254 -12.68 8.75 -17.67
N ILE B 255 -12.69 9.96 -17.13
CA ILE B 255 -13.64 11.01 -17.50
C ILE B 255 -13.25 11.71 -18.79
N GLU B 256 -12.05 11.40 -19.30
CA GLU B 256 -11.43 12.18 -20.39
C GLU B 256 -11.82 11.71 -21.78
N LEU B 257 -12.69 10.72 -21.89
CA LEU B 257 -13.05 10.17 -23.19
C LEU B 257 -14.40 9.46 -23.17
N GLU B 258 -15.06 9.38 -24.32
CA GLU B 258 -16.36 8.71 -24.45
C GLU B 258 -16.31 7.37 -25.20
N HIS B 259 -15.12 7.00 -25.68
CA HIS B 259 -14.93 5.75 -26.41
C HIS B 259 -13.91 4.86 -25.70
N ASN B 260 -13.68 3.68 -26.23
CA ASN B 260 -12.61 2.81 -25.71
C ASN B 260 -11.38 2.97 -26.54
N VAL B 261 -10.23 2.93 -25.87
CA VAL B 261 -8.96 2.87 -26.56
C VAL B 261 -8.35 1.52 -26.21
N VAL B 262 -7.89 0.78 -27.24
CA VAL B 262 -7.35 -0.58 -27.05
C VAL B 262 -5.91 -0.67 -27.53
N ILE B 263 -5.05 -1.26 -26.69
CA ILE B 263 -3.68 -1.57 -27.05
C ILE B 263 -3.44 -3.06 -26.82
N ALA B 264 -3.17 -3.77 -27.92
CA ALA B 264 -2.81 -5.18 -27.88
C ALA B 264 -1.30 -5.33 -27.99
N ILE B 265 -0.70 -6.00 -27.01
CA ILE B 265 0.73 -6.18 -26.96
C ILE B 265 1.05 -7.68 -26.89
N GLY B 266 1.98 -8.11 -27.73
CA GLY B 266 2.23 -9.52 -27.89
C GLY B 266 3.53 -9.79 -28.60
N MET B 267 3.67 -11.03 -29.07
CA MET B 267 4.89 -11.48 -29.75
C MET B 267 4.58 -11.88 -31.18
N SER B 268 5.54 -11.64 -32.06
CA SER B 268 5.33 -11.90 -33.49
C SER B 268 6.62 -12.29 -34.17
N GLU B 269 6.49 -13.21 -35.13
CA GLU B 269 7.61 -13.61 -35.98
C GLU B 269 8.13 -12.45 -36.79
N GLN B 270 7.24 -11.54 -37.15
CA GLN B 270 7.57 -10.45 -38.07
C GLN B 270 8.19 -9.26 -37.37
N ALA B 271 8.19 -9.27 -36.04
CA ALA B 271 8.75 -8.15 -35.30
C ALA B 271 10.23 -8.39 -35.12
N THR B 272 11.00 -7.32 -35.15
CA THR B 272 12.44 -7.40 -34.97
C THR B 272 12.88 -6.68 -33.71
N SER B 273 11.93 -6.37 -32.83
CA SER B 273 12.19 -5.61 -31.62
C SER B 273 13.24 -6.32 -30.76
N GLU B 274 14.09 -5.54 -30.11
CA GLU B 274 15.06 -6.08 -29.16
C GLU B 274 14.40 -6.18 -27.79
N LEU B 275 13.15 -6.64 -27.78
CA LEU B 275 12.34 -6.66 -26.57
C LEU B 275 11.36 -7.81 -26.67
N VAL B 276 11.00 -8.34 -25.51
CA VAL B 276 10.00 -9.41 -25.42
C VAL B 276 8.97 -9.08 -24.33
N ILE B 277 7.91 -9.87 -24.29
CA ILE B 277 6.89 -9.67 -23.28
C ILE B 277 6.36 -11.00 -22.80
N ALA B 278 6.12 -11.07 -21.50
CA ALA B 278 5.50 -12.24 -20.90
C ALA B 278 4.43 -11.75 -19.97
N HIS B 279 3.44 -12.60 -19.71
CA HIS B 279 2.33 -12.23 -18.85
C HIS B 279 2.04 -13.27 -17.77
N GLY B 280 1.36 -12.82 -16.73
CA GLY B 280 0.92 -13.71 -15.68
C GLY B 280 -0.27 -13.12 -14.96
N VAL B 281 -0.64 -13.81 -13.91
CA VAL B 281 -1.75 -13.43 -13.08
C VAL B 281 -1.30 -13.40 -11.64
N MET B 282 -1.61 -12.31 -10.94
CA MET B 282 -1.52 -12.28 -9.49
C MET B 282 -2.80 -12.89 -8.94
N SER B 283 -2.66 -13.87 -8.04
CA SER B 283 -3.82 -14.53 -7.44
C SER B 283 -4.52 -13.59 -6.46
N ASP B 284 -3.76 -12.67 -5.88
CA ASP B 284 -4.35 -11.62 -5.07
C ASP B 284 -3.40 -10.42 -5.03
N ALA B 285 -3.77 -9.40 -4.27
CA ALA B 285 -3.05 -8.13 -4.29
C ALA B 285 -1.60 -8.20 -3.80
N ILE B 286 -1.25 -9.23 -3.05
CA ILE B 286 0.08 -9.32 -2.46
C ILE B 286 0.91 -10.45 -3.07
N ASP B 287 0.42 -11.01 -4.19
CA ASP B 287 1.04 -12.15 -4.84
C ASP B 287 2.30 -11.77 -5.62
N ALA B 288 3.29 -11.26 -4.89
CA ALA B 288 4.60 -10.91 -5.46
C ALA B 288 5.31 -12.11 -6.09
N ALA B 289 5.01 -13.30 -5.59
CA ALA B 289 5.64 -14.54 -6.07
C ALA B 289 5.40 -14.75 -7.56
N SER B 290 4.13 -14.65 -7.99
CA SER B 290 3.76 -14.80 -9.40
C SER B 290 4.49 -13.83 -10.30
N VAL B 291 4.70 -12.62 -9.81
CA VAL B 291 5.44 -11.62 -10.57
C VAL B 291 6.90 -12.04 -10.68
N ARG B 292 7.46 -12.43 -9.56
CA ARG B 292 8.82 -12.97 -9.48
C ARG B 292 9.02 -14.14 -10.43
N ARG B 293 7.99 -14.96 -10.53
CA ARG B 293 8.05 -16.14 -11.34
C ARG B 293 8.03 -15.79 -12.81
N THR B 294 7.06 -14.98 -13.20
CA THR B 294 6.98 -14.54 -14.58
C THR B 294 8.26 -13.82 -15.01
N ILE B 295 8.85 -13.05 -14.10
CA ILE B 295 10.13 -12.39 -14.39
C ILE B 295 11.21 -13.43 -14.64
N GLU B 296 11.20 -14.50 -13.85
CA GLU B 296 12.16 -15.59 -14.00
C GLU B 296 12.03 -16.26 -15.36
N SER B 297 10.79 -16.41 -15.82
CA SER B 297 10.51 -17.07 -17.09
C SER B 297 11.06 -16.28 -18.28
N LEU B 298 11.60 -15.10 -17.99
CA LEU B 298 12.34 -14.29 -18.96
C LEU B 298 13.84 -14.23 -18.61
N GLY B 299 14.35 -15.26 -17.96
CA GLY B 299 15.76 -15.31 -17.63
C GLY B 299 16.31 -14.05 -16.96
N ILE B 300 15.61 -13.55 -15.95
CA ILE B 300 16.16 -12.49 -15.10
C ILE B 300 16.41 -13.02 -13.70
N ARG B 301 17.69 -13.06 -13.34
CA ARG B 301 18.12 -13.75 -12.14
C ARG B 301 18.23 -12.81 -10.93
N SER B 302 19.37 -12.12 -10.86
CA SER B 302 19.75 -11.34 -9.71
C SER B 302 18.92 -10.09 -9.66
N ASP B 303 19.12 -9.34 -8.59
CA ASP B 303 18.56 -8.01 -8.43
C ASP B 303 19.08 -7.05 -9.50
N ASP B 304 20.35 -7.19 -9.85
CA ASP B 304 21.00 -6.25 -10.78
C ASP B 304 20.73 -6.56 -12.27
N GLU B 305 20.21 -7.75 -12.55
CA GLU B 305 19.63 -8.06 -13.88
C GLU B 305 18.22 -7.45 -14.08
N MET B 306 17.64 -6.89 -13.03
CA MET B 306 16.35 -6.19 -13.15
C MET B 306 16.39 -5.04 -14.16
N ASP B 307 17.56 -4.42 -14.34
CA ASP B 307 17.71 -3.36 -15.35
C ASP B 307 17.36 -3.81 -16.79
N ARG B 308 17.19 -5.12 -16.99
CA ARG B 308 16.69 -5.64 -18.26
C ARG B 308 15.21 -5.38 -18.45
N ILE B 309 14.49 -5.18 -17.35
CA ILE B 309 13.05 -4.92 -17.40
C ILE B 309 12.80 -3.46 -17.72
N VAL B 310 12.02 -3.24 -18.78
CA VAL B 310 11.67 -1.90 -19.23
C VAL B 310 10.57 -1.35 -18.31
N ASN B 311 9.48 -2.11 -18.18
CA ASN B 311 8.46 -1.79 -17.21
C ASN B 311 7.64 -3.01 -16.88
N VAL B 312 6.87 -2.90 -15.81
CA VAL B 312 5.86 -3.87 -15.43
C VAL B 312 4.49 -3.22 -15.46
N PHE B 313 3.48 -3.99 -15.85
CA PHE B 313 2.13 -3.50 -16.03
C PHE B 313 1.22 -4.44 -15.32
N ALA B 314 0.42 -3.93 -14.39
CA ALA B 314 -0.33 -4.82 -13.49
C ALA B 314 -1.67 -4.23 -13.08
N LYS B 315 -2.62 -5.13 -12.86
CA LYS B 315 -3.93 -4.80 -12.35
C LYS B 315 -4.02 -5.23 -10.90
N ALA B 316 -4.67 -4.39 -10.09
CA ALA B 316 -4.84 -4.60 -8.65
C ALA B 316 -6.27 -4.30 -8.28
N GLU B 317 -6.82 -5.01 -7.32
CA GLU B 317 -8.13 -4.68 -6.82
C GLU B 317 -8.31 -5.13 -5.39
N ALA B 318 -9.29 -4.52 -4.73
CA ALA B 318 -9.71 -4.91 -3.43
C ALA B 318 -10.53 -6.19 -3.60
N SER B 319 -10.14 -7.24 -2.88
CA SER B 319 -10.84 -8.51 -2.98
C SER B 319 -12.31 -8.33 -2.61
N PRO B 320 -13.22 -8.60 -3.55
CA PRO B 320 -14.64 -8.28 -3.33
C PRO B 320 -15.36 -9.08 -2.23
N ASP B 321 -14.74 -10.14 -1.73
CA ASP B 321 -15.29 -10.88 -0.58
C ASP B 321 -14.94 -10.24 0.76
N GLY B 322 -14.12 -9.20 0.74
CA GLY B 322 -13.79 -8.44 1.95
C GLY B 322 -12.65 -9.06 2.75
N VAL B 323 -11.96 -10.00 2.14
CA VAL B 323 -10.94 -10.79 2.81
C VAL B 323 -9.74 -10.99 1.90
N VAL B 324 -8.56 -10.96 2.50
CA VAL B 324 -7.32 -11.31 1.80
C VAL B 324 -6.60 -12.36 2.63
N ARG B 325 -6.39 -13.52 2.04
CA ARG B 325 -5.85 -14.72 2.68
C ARG B 325 -6.47 -14.93 4.05
N GLY B 326 -7.80 -14.90 4.10
CA GLY B 326 -8.59 -15.23 5.29
C GLY B 326 -8.80 -14.10 6.27
N MET B 327 -8.04 -13.01 6.14
CA MET B 327 -8.13 -11.84 7.03
C MET B 327 -8.93 -10.70 6.37
N ARG B 328 -9.86 -10.13 7.14
CA ARG B 328 -10.67 -8.99 6.71
C ARG B 328 -9.82 -7.79 6.29
N HIS B 329 -10.22 -7.14 5.20
CA HIS B 329 -9.64 -5.86 4.82
C HIS B 329 -10.77 -4.82 4.84
N THR B 330 -10.39 -3.55 4.83
CA THR B 330 -11.31 -2.43 5.02
C THR B 330 -11.39 -1.56 3.78
N MET B 331 -10.77 -2.03 2.71
CA MET B 331 -10.68 -1.27 1.47
C MET B 331 -12.02 -0.99 0.81
N LEU B 332 -13.04 -1.80 1.11
CA LEU B 332 -14.37 -1.68 0.48
C LEU B 332 -15.39 -1.06 1.44
N SER B 333 -14.94 -0.73 2.64
CA SER B 333 -15.80 -0.12 3.66
C SER B 333 -15.33 1.27 4.00
N ASP B 334 -14.30 1.71 3.31
CA ASP B 334 -13.63 2.96 3.61
C ASP B 334 -14.27 4.05 2.77
N SER B 335 -15.03 4.93 3.42
CA SER B 335 -15.72 5.98 2.72
C SER B 335 -14.87 7.22 2.46
N ASP B 336 -13.65 7.25 2.99
CA ASP B 336 -12.70 8.35 2.75
C ASP B 336 -11.80 8.05 1.55
N ILE B 337 -11.31 6.81 1.49
CA ILE B 337 -10.38 6.38 0.45
C ILE B 337 -10.96 5.19 -0.31
N ASN B 338 -11.24 5.38 -1.58
CA ASN B 338 -11.86 4.34 -2.40
C ASN B 338 -10.94 3.15 -2.54
N SER B 339 -11.56 1.98 -2.73
CA SER B 339 -10.86 0.70 -2.74
C SER B 339 -9.73 0.64 -3.77
N THR B 340 -9.94 1.28 -4.90
CA THR B 340 -8.94 1.23 -5.99
C THR B 340 -7.66 1.95 -5.56
N ARG B 341 -7.78 2.93 -4.67
CA ARG B 341 -6.61 3.64 -4.21
C ARG B 341 -5.79 2.76 -3.26
N HIS B 342 -6.49 2.07 -2.36
CA HIS B 342 -5.84 1.12 -1.48
C HIS B 342 -5.15 0.02 -2.27
N ALA B 343 -5.88 -0.53 -3.22
CA ALA B 343 -5.42 -1.62 -4.05
C ALA B 343 -4.13 -1.27 -4.79
N ARG B 344 -4.12 -0.11 -5.44
CA ARG B 344 -2.90 0.34 -6.14
C ARG B 344 -1.74 0.52 -5.18
N ALA B 345 -2.03 1.04 -4.00
CA ALA B 345 -0.97 1.26 -3.03
C ALA B 345 -0.33 -0.08 -2.65
N VAL B 346 -1.19 -1.05 -2.35
CA VAL B 346 -0.79 -2.39 -1.93
C VAL B 346 0.02 -3.13 -2.99
N THR B 347 -0.52 -3.17 -4.19
CA THR B 347 0.11 -3.96 -5.27
C THR B 347 1.35 -3.25 -5.80
N GLY B 348 1.30 -1.92 -5.81
CA GLY B 348 2.47 -1.14 -6.18
C GLY B 348 3.64 -1.43 -5.26
N ALA B 349 3.35 -1.64 -3.97
CA ALA B 349 4.38 -1.92 -2.99
C ALA B 349 4.95 -3.34 -3.15
N ALA B 350 4.03 -4.30 -3.29
CA ALA B 350 4.39 -5.68 -3.49
C ALA B 350 5.32 -5.84 -4.71
N ILE B 351 5.03 -5.10 -5.78
CA ILE B 351 5.85 -5.17 -7.00
C ILE B 351 7.15 -4.39 -6.81
N ALA B 352 7.07 -3.22 -6.23
CA ALA B 352 8.28 -2.45 -5.94
C ALA B 352 9.30 -3.26 -5.12
N SER B 353 8.80 -4.07 -4.18
CA SER B 353 9.69 -4.88 -3.35
C SER B 353 10.45 -5.91 -4.19
N VAL B 354 9.88 -6.28 -5.33
CA VAL B 354 10.51 -7.20 -6.28
C VAL B 354 11.49 -6.50 -7.24
N VAL B 355 10.99 -5.54 -8.02
CA VAL B 355 11.81 -4.88 -9.04
C VAL B 355 12.74 -3.80 -8.47
N GLY B 356 12.40 -3.28 -7.29
CA GLY B 356 13.31 -2.40 -6.56
C GLY B 356 12.92 -0.95 -6.54
N HIS B 357 11.76 -0.64 -7.10
CA HIS B 357 11.24 0.73 -7.07
C HIS B 357 9.77 0.74 -7.48
N GLY B 358 9.13 1.90 -7.32
CA GLY B 358 7.71 2.03 -7.63
C GLY B 358 7.33 2.66 -8.97
N MET B 359 8.31 2.99 -9.80
CA MET B 359 8.03 3.43 -11.18
C MET B 359 7.59 2.28 -12.06
N VAL B 360 6.38 1.80 -11.77
CA VAL B 360 5.76 0.72 -12.52
C VAL B 360 4.30 1.08 -12.76
N TYR B 361 3.71 0.47 -13.78
CA TYR B 361 2.31 0.72 -14.12
C TYR B 361 1.42 -0.22 -13.34
N VAL B 362 0.69 0.33 -12.37
CA VAL B 362 -0.29 -0.44 -11.60
C VAL B 362 -1.60 0.32 -11.65
N SER B 363 -2.61 -0.37 -12.16
CA SER B 363 -3.92 0.20 -12.40
C SER B 363 -4.89 -0.55 -11.52
N GLY B 364 -5.85 0.15 -10.96
CA GLY B 364 -6.73 -0.46 -9.98
C GLY B 364 -8.12 -0.71 -10.53
N GLY B 365 -8.80 -1.68 -9.92
CA GLY B 365 -10.15 -2.06 -10.30
C GLY B 365 -10.01 -3.10 -11.39
N ALA B 366 -10.11 -4.37 -11.01
CA ALA B 366 -9.74 -5.50 -11.89
C ALA B 366 -10.89 -6.47 -12.09
N GLU B 367 -12.08 -5.93 -12.26
CA GLU B 367 -13.29 -6.70 -12.40
C GLU B 367 -13.26 -7.44 -13.73
N HIS B 368 -13.45 -8.76 -13.66
CA HIS B 368 -13.29 -9.67 -14.78
C HIS B 368 -11.93 -9.59 -15.44
N GLN B 369 -10.94 -9.27 -14.64
CA GLN B 369 -9.57 -9.26 -15.09
C GLN B 369 -8.79 -10.12 -14.13
N GLY B 370 -8.34 -11.28 -14.63
CA GLY B 370 -7.67 -12.26 -13.79
C GLY B 370 -8.67 -12.79 -12.78
N PRO B 371 -8.17 -13.40 -11.70
CA PRO B 371 -9.08 -13.89 -10.65
C PRO B 371 -9.70 -12.73 -9.87
N ALA B 372 -10.85 -12.99 -9.25
CA ALA B 372 -11.43 -12.06 -8.31
C ALA B 372 -10.45 -11.81 -7.15
N GLY B 373 -10.13 -10.54 -6.90
CA GLY B 373 -9.14 -10.14 -5.89
C GLY B 373 -7.71 -10.08 -6.42
N GLY B 374 -7.52 -10.58 -7.64
CA GLY B 374 -6.22 -10.57 -8.28
C GLY B 374 -6.33 -9.89 -9.63
N GLY B 375 -5.27 -9.97 -10.42
CA GLY B 375 -5.27 -9.30 -11.69
C GLY B 375 -4.14 -9.72 -12.61
N PRO B 376 -4.36 -9.60 -13.92
CA PRO B 376 -3.31 -9.86 -14.89
C PRO B 376 -2.20 -8.84 -14.79
N PHE B 377 -0.99 -9.27 -15.15
CA PHE B 377 0.13 -8.36 -15.33
C PHE B 377 0.98 -8.85 -16.48
N ALA B 378 1.80 -7.95 -16.98
CA ALA B 378 2.76 -8.28 -18.01
C ALA B 378 4.08 -7.60 -17.71
N VAL B 379 5.13 -8.11 -18.34
CA VAL B 379 6.49 -7.60 -18.17
C VAL B 379 7.13 -7.42 -19.55
N ILE B 380 7.72 -6.25 -19.78
CA ILE B 380 8.46 -6.02 -21.02
C ILE B 380 9.94 -5.95 -20.67
N ALA B 381 10.75 -6.73 -21.39
CA ALA B 381 12.18 -6.85 -21.09
C ALA B 381 13.02 -6.90 -22.36
N ARG B 382 14.29 -6.52 -22.21
CA ARG B 382 15.30 -6.68 -23.27
C ARG B 382 15.39 -8.15 -23.66
N ALA B 383 15.48 -8.40 -24.97
CA ALA B 383 15.67 -9.76 -25.48
C ALA B 383 17.04 -10.33 -25.11
MG MG C . 12.34 6.69 10.47
NAE WDL D . -1.63 5.20 14.27
CAH WDL D . -0.44 5.39 13.70
OAB WDL D . -0.04 4.43 12.81
N6 WDL D . 0.38 6.41 13.88
CAI WDL D . -0.08 7.31 14.76
NAF WDL D . -1.24 7.26 15.42
OAC WDL D . 0.72 8.40 15.01
CAG WDL D . -1.95 6.17 15.10
OAA WDL D . -3.14 6.03 15.73
MG MG E . -9.84 -9.52 -10.98
C1 PEG F . 14.98 -5.08 -5.12
O1 PEG F . 15.40 -5.54 -3.82
C2 PEG F . 15.81 -5.71 -6.25
O2 PEG F . 16.41 -4.71 -7.09
C3 PEG F . 17.49 -3.99 -6.48
C4 PEG F . 18.39 -3.41 -7.57
O4 PEG F . 19.53 -2.79 -6.98
C1 PEG G . 12.37 -2.35 -13.31
O1 PEG G . 11.46 -1.55 -14.10
C2 PEG G . 13.85 -2.00 -13.54
O2 PEG G . 14.13 -0.63 -13.19
C3 PEG G . 15.51 -0.28 -13.34
C4 PEG G . 15.98 0.64 -12.22
O4 PEG G . 16.02 2.01 -12.68
NAE WDL H . -6.69 4.59 -12.96
CAH WDL H . -7.76 5.18 -13.51
OAB WDL H . -7.73 6.47 -13.96
N6 WDL H . -8.96 4.64 -13.71
CAI WDL H . -9.04 3.38 -13.29
NAF WDL H . -8.07 2.65 -12.74
OAC WDL H . -10.25 2.82 -13.51
CAG WDL H . -6.94 3.34 -12.61
OAA WDL H . -5.96 2.61 -12.02
#